data_1XZW
#
_entry.id   1XZW
#
_cell.length_a   116.15
_cell.length_b   116.15
_cell.length_c   291.95
_cell.angle_alpha   90.0
_cell.angle_beta   90.0
_cell.angle_gamma   120.0
#
_symmetry.space_group_name_H-M   'P 65 2 2'
#
loop_
_entity.id
_entity.type
_entity.pdbx_description
1 polymer 'purple acid phosphatase'
2 branched alpha-D-mannopyranose-(1-4)-2-acetamido-2-deoxy-beta-D-glucopyranose-(1-4)-[alpha-L-fucopyranose-(1-3)]2-acetamido-2-deoxy-beta-D-glucopyranose
3 branched 2-acetamido-2-deoxy-beta-D-glucopyranose-(1-4)-2-acetamido-2-deoxy-beta-D-glucopyranose
4 branched alpha-L-fucopyranose-(1-3)-2-acetamido-2-deoxy-beta-D-glucopyranose
5 branched alpha-L-fucopyranose-(1-3)-[2-acetamido-2-deoxy-beta-D-glucopyranose-(1-4)]2-acetamido-2-deoxy-beta-D-glucopyranose
6 non-polymer 'FE (III) ION'
7 non-polymer 'MANGANESE (II) ION'
8 non-polymer 'PHOSPHATE ION'
9 non-polymer 2-acetamido-2-deoxy-beta-D-glucopyranose
10 water water
#
_entity_poly.entity_id   1
_entity_poly.type   'polypeptide(L)'
_entity_poly.pdbx_seq_one_letter_code
;LPNAEDVDMPWDSDVFAVPSGYNAPQQVHITQGDYEGRGVIISWTTPYDKAGANKVFYWSENSKSQKRAMGTVVTYKYYN
YTSAFIHHCTIKDLEYDTKYYYRLGFGDAKRQFWFVTPPKPGPDVPYVFGLIGDIGQTHDSNTTLTHYEQNSAKGQAVLF
MGDLSYSNRWPNHDNNRWDTWGRFSERSVAYQPWIWTAGNHEIDYAPDIGEYQPFVPFTNRYPTPHEASGSGDPLWYAIK
RASAHIIVLSSYSGFVKYSPQYKWFTSELEKVNRSETPWLIVLVHAPLYNSYEAHYMEGEAMRAIFEPYFVYYKVDIVFS
GHVHSYERSERVSNVAYNIVNAKCTPVSDESAPVYITIGDGGNSEGLASEMTQPQPSYSAFREASFGHGIFDIKNRTHAH
FSWHRNQDGASVEADSLWLLNRYWAS
;
_entity_poly.pdbx_strand_id   A,B
#
loop_
_chem_comp.id
_chem_comp.type
_chem_comp.name
_chem_comp.formula
FE non-polymer 'FE (III) ION' 'Fe 3'
FUC L-saccharide, alpha linking alpha-L-fucopyranose 'C6 H12 O5'
MAN D-saccharide, alpha linking alpha-D-mannopyranose 'C6 H12 O6'
MN non-polymer 'MANGANESE (II) ION' 'Mn 2'
NAG D-saccharide, beta linking 2-acetamido-2-deoxy-beta-D-glucopyranose 'C8 H15 N O6'
PO4 non-polymer 'PHOSPHATE ION' 'O4 P -3'
#
# COMPACT_ATOMS: atom_id res chain seq x y z
N LEU A 1 -23.18 -16.40 -3.41
CA LEU A 1 -24.51 -16.03 -3.99
C LEU A 1 -24.39 -14.78 -4.87
N PRO A 2 -24.25 -14.98 -6.20
CA PRO A 2 -24.19 -16.27 -6.89
C PRO A 2 -22.93 -17.09 -6.61
N ASN A 3 -23.09 -18.40 -6.63
CA ASN A 3 -21.97 -19.30 -6.39
C ASN A 3 -21.16 -19.46 -7.67
N ALA A 4 -19.87 -19.16 -7.60
CA ALA A 4 -19.00 -19.25 -8.77
C ALA A 4 -19.04 -20.61 -9.44
N GLU A 5 -19.12 -21.67 -8.64
CA GLU A 5 -19.15 -23.03 -9.15
C GLU A 5 -20.41 -23.37 -9.92
N ASP A 6 -21.42 -22.51 -9.84
CA ASP A 6 -22.67 -22.76 -10.52
C ASP A 6 -22.89 -21.91 -11.77
N VAL A 7 -22.18 -20.80 -11.88
CA VAL A 7 -22.36 -19.92 -13.02
C VAL A 7 -21.16 -19.78 -13.96
N ASP A 8 -19.96 -20.00 -13.43
CA ASP A 8 -18.77 -19.93 -14.28
C ASP A 8 -18.89 -21.03 -15.33
N MET A 9 -18.26 -20.85 -16.48
CA MET A 9 -18.33 -21.88 -17.51
C MET A 9 -17.70 -23.17 -17.00
N PRO A 10 -18.24 -24.33 -17.41
CA PRO A 10 -17.75 -25.65 -17.00
C PRO A 10 -16.28 -25.85 -17.35
N TRP A 11 -15.60 -26.72 -16.60
CA TRP A 11 -14.19 -26.98 -16.87
C TRP A 11 -13.94 -27.52 -18.28
N ASP A 12 -14.90 -28.28 -18.80
CA ASP A 12 -14.80 -28.90 -20.13
C ASP A 12 -15.24 -27.97 -21.27
N SER A 13 -15.63 -26.74 -20.94
CA SER A 13 -16.06 -25.81 -21.96
C SER A 13 -15.04 -25.71 -23.09
N ASP A 14 -15.53 -25.59 -24.32
CA ASP A 14 -14.64 -25.51 -25.48
C ASP A 14 -13.61 -24.40 -25.31
N VAL A 15 -14.06 -23.27 -24.80
CA VAL A 15 -13.21 -22.12 -24.60
C VAL A 15 -12.05 -22.39 -23.62
N PHE A 16 -12.10 -23.52 -22.92
CA PHE A 16 -11.03 -23.89 -21.98
C PHE A 16 -10.17 -25.03 -22.50
N ALA A 17 -10.45 -25.48 -23.72
CA ALA A 17 -9.71 -26.58 -24.33
C ALA A 17 -8.20 -26.36 -24.39
N VAL A 18 -7.45 -27.41 -24.04
CA VAL A 18 -5.99 -27.35 -24.08
C VAL A 18 -5.51 -27.63 -25.50
N PRO A 19 -4.61 -26.78 -26.03
CA PRO A 19 -4.11 -27.02 -27.38
C PRO A 19 -3.38 -28.39 -27.47
N SER A 20 -3.64 -29.15 -28.54
CA SER A 20 -3.01 -30.46 -28.70
C SER A 20 -1.53 -30.41 -29.04
N GLY A 21 -0.87 -31.57 -28.86
CA GLY A 21 0.56 -31.65 -29.12
C GLY A 21 1.34 -31.75 -27.83
N TYR A 22 2.52 -32.38 -27.89
CA TYR A 22 3.36 -32.53 -26.71
C TYR A 22 3.85 -31.17 -26.22
N ASN A 23 3.72 -30.94 -24.92
CA ASN A 23 4.13 -29.71 -24.25
C ASN A 23 3.66 -28.45 -24.97
N ALA A 24 2.42 -28.49 -25.44
CA ALA A 24 1.84 -27.36 -26.18
C ALA A 24 1.88 -26.04 -25.42
N PRO A 25 2.33 -24.96 -26.09
CA PRO A 25 2.39 -23.64 -25.46
C PRO A 25 0.94 -23.22 -25.31
N GLN A 26 0.56 -22.79 -24.11
CA GLN A 26 -0.82 -22.36 -23.88
C GLN A 26 -0.91 -21.07 -23.06
N GLN A 27 -2.15 -20.63 -22.80
CA GLN A 27 -2.39 -19.40 -22.05
C GLN A 27 -1.47 -18.30 -22.60
N VAL A 28 -1.50 -18.17 -23.92
CA VAL A 28 -0.68 -17.18 -24.63
C VAL A 28 -1.30 -15.79 -24.55
N HIS A 29 -0.48 -14.80 -24.19
CA HIS A 29 -0.95 -13.41 -24.12
C HIS A 29 0.19 -12.41 -24.26
N ILE A 30 -0.14 -11.22 -24.76
CA ILE A 30 0.87 -10.19 -24.93
C ILE A 30 0.42 -8.85 -24.36
N THR A 31 1.39 -7.96 -24.15
CA THR A 31 1.08 -6.64 -23.67
C THR A 31 2.24 -5.75 -24.12
N GLN A 32 2.03 -4.44 -24.14
CA GLN A 32 3.08 -3.53 -24.57
C GLN A 32 4.32 -3.76 -23.72
N GLY A 33 5.48 -3.78 -24.37
CA GLY A 33 6.73 -4.03 -23.67
C GLY A 33 7.64 -2.84 -23.45
N ASP A 34 7.30 -1.69 -24.01
CA ASP A 34 8.15 -0.53 -23.81
C ASP A 34 7.28 0.71 -23.59
N TYR A 35 7.95 1.84 -23.39
CA TYR A 35 7.29 3.11 -23.17
C TYR A 35 6.72 3.74 -24.44
N GLU A 36 7.41 3.56 -25.57
CA GLU A 36 7.03 4.13 -26.87
C GLU A 36 6.01 3.35 -27.69
N GLY A 37 6.09 2.02 -27.66
CA GLY A 37 5.16 1.21 -28.42
C GLY A 37 5.82 0.20 -29.33
N ARG A 38 7.12 0.35 -29.58
CA ARG A 38 7.80 -0.61 -30.44
C ARG A 38 8.31 -1.78 -29.63
N GLY A 39 7.66 -2.01 -28.49
CA GLY A 39 8.02 -3.09 -27.59
C GLY A 39 6.82 -3.98 -27.29
N VAL A 40 7.09 -5.22 -26.89
CA VAL A 40 6.04 -6.18 -26.58
C VAL A 40 6.53 -7.24 -25.60
N ILE A 41 5.61 -7.74 -24.77
CA ILE A 41 5.95 -8.80 -23.83
C ILE A 41 5.05 -9.97 -24.20
N ILE A 42 5.65 -11.05 -24.68
CA ILE A 42 4.87 -12.22 -25.06
C ILE A 42 4.95 -13.24 -23.94
N SER A 43 3.79 -13.74 -23.53
CA SER A 43 3.71 -14.72 -22.47
C SER A 43 3.00 -15.98 -22.93
N TRP A 44 3.53 -17.12 -22.50
CA TRP A 44 2.95 -18.41 -22.82
C TRP A 44 3.35 -19.39 -21.74
N THR A 45 2.50 -20.38 -21.52
CA THR A 45 2.75 -21.37 -20.50
C THR A 45 2.89 -22.77 -21.07
N THR A 46 3.86 -23.51 -20.52
CA THR A 46 4.11 -24.85 -20.98
C THR A 46 4.18 -25.82 -19.79
N PRO A 47 3.54 -26.99 -19.91
CA PRO A 47 3.54 -27.99 -18.82
C PRO A 47 4.92 -28.55 -18.46
N TYR A 48 5.86 -28.51 -19.42
CA TYR A 48 7.22 -29.01 -19.19
C TYR A 48 8.25 -27.98 -19.64
N ASP A 49 9.41 -27.98 -19.00
CA ASP A 49 10.46 -27.04 -19.36
C ASP A 49 11.58 -27.72 -20.12
N LYS A 50 11.25 -28.27 -21.28
CA LYS A 50 12.25 -28.95 -22.11
C LYS A 50 12.69 -28.09 -23.30
N ALA A 51 13.91 -28.36 -23.79
CA ALA A 51 14.47 -27.62 -24.91
C ALA A 51 13.45 -27.23 -25.97
N GLY A 52 13.37 -25.93 -26.26
CA GLY A 52 12.44 -25.47 -27.27
C GLY A 52 11.21 -24.77 -26.71
N ALA A 53 10.76 -25.19 -25.54
CA ALA A 53 9.58 -24.60 -24.92
C ALA A 53 9.78 -23.13 -24.53
N ASN A 54 11.03 -22.69 -24.45
CA ASN A 54 11.33 -21.33 -24.05
C ASN A 54 11.80 -20.43 -25.22
N LYS A 55 11.33 -20.71 -26.43
CA LYS A 55 11.76 -19.93 -27.59
C LYS A 55 10.60 -19.39 -28.41
N VAL A 56 10.72 -18.12 -28.81
CA VAL A 56 9.72 -17.46 -29.63
C VAL A 56 10.37 -17.12 -30.95
N PHE A 57 9.65 -17.38 -32.03
CA PHE A 57 10.14 -17.05 -33.35
C PHE A 57 9.19 -15.97 -33.82
N TYR A 58 9.73 -14.83 -34.21
CA TYR A 58 8.88 -13.73 -34.69
C TYR A 58 9.48 -13.08 -35.93
N TRP A 59 8.62 -12.52 -36.76
CA TRP A 59 9.08 -11.86 -37.97
C TRP A 59 7.98 -10.98 -38.56
N SER A 60 8.41 -9.88 -39.16
CA SER A 60 7.51 -8.94 -39.81
C SER A 60 7.01 -9.67 -41.06
N GLU A 61 5.77 -9.43 -41.47
CA GLU A 61 5.23 -10.15 -42.63
C GLU A 61 5.92 -9.81 -43.96
N ASN A 62 6.29 -8.54 -44.13
CA ASN A 62 6.95 -8.11 -45.34
C ASN A 62 8.46 -8.11 -45.12
N SER A 63 8.98 -9.23 -44.60
CA SER A 63 10.40 -9.37 -44.31
C SER A 63 10.72 -10.80 -43.85
N LYS A 64 10.68 -11.72 -44.81
CA LYS A 64 10.93 -13.14 -44.61
C LYS A 64 11.75 -13.54 -43.37
N SER A 65 13.03 -13.18 -43.34
CA SER A 65 13.94 -13.51 -42.24
C SER A 65 13.27 -13.43 -40.86
N GLN A 66 13.26 -14.56 -40.14
CA GLN A 66 12.64 -14.60 -38.82
C GLN A 66 13.61 -14.67 -37.64
N LYS A 67 13.40 -13.80 -36.66
CA LYS A 67 14.26 -13.76 -35.47
C LYS A 67 13.67 -14.60 -34.34
N ARG A 68 14.56 -15.14 -33.50
CA ARG A 68 14.16 -15.97 -32.37
C ARG A 68 14.63 -15.35 -31.06
N ALA A 69 13.80 -15.47 -30.03
CA ALA A 69 14.14 -14.93 -28.73
C ALA A 69 13.86 -15.96 -27.64
N MET A 70 14.54 -15.80 -26.51
CA MET A 70 14.37 -16.70 -25.40
C MET A 70 13.62 -15.96 -24.30
N GLY A 71 12.76 -16.66 -23.58
CA GLY A 71 12.00 -16.00 -22.52
C GLY A 71 12.60 -16.26 -21.15
N THR A 72 12.04 -15.59 -20.15
CA THR A 72 12.47 -15.76 -18.77
C THR A 72 11.36 -16.62 -18.20
N VAL A 73 11.69 -17.67 -17.48
CA VAL A 73 10.67 -18.56 -16.96
C VAL A 73 10.51 -18.54 -15.45
N VAL A 74 9.28 -18.72 -15.02
CA VAL A 74 9.00 -18.71 -13.60
C VAL A 74 7.87 -19.68 -13.26
N THR A 75 7.83 -20.07 -11.99
CA THR A 75 6.79 -20.95 -11.50
C THR A 75 6.46 -20.42 -10.11
N TYR A 76 5.30 -20.77 -9.59
CA TYR A 76 4.95 -20.31 -8.26
C TYR A 76 4.02 -21.32 -7.61
N LYS A 77 3.90 -21.22 -6.30
CA LYS A 77 3.04 -22.11 -5.53
C LYS A 77 2.07 -21.25 -4.72
N TYR A 78 0.87 -21.78 -4.49
CA TYR A 78 -0.16 -21.08 -3.73
C TYR A 78 -0.95 -22.18 -3.04
N TYR A 79 -0.79 -22.29 -1.72
CA TYR A 79 -1.44 -23.34 -0.96
C TYR A 79 -0.97 -24.65 -1.64
N ASN A 80 -1.87 -25.60 -1.90
CA ASN A 80 -1.47 -26.85 -2.53
C ASN A 80 -1.45 -26.78 -4.06
N TYR A 81 -1.20 -25.60 -4.60
CA TYR A 81 -1.16 -25.44 -6.05
C TYR A 81 0.24 -25.09 -6.56
N THR A 82 0.58 -25.67 -7.72
CA THR A 82 1.87 -25.40 -8.34
C THR A 82 1.63 -25.08 -9.81
N SER A 83 2.25 -24.01 -10.29
CA SER A 83 2.05 -23.62 -11.68
C SER A 83 2.98 -24.39 -12.60
N ALA A 84 2.69 -24.30 -13.89
CA ALA A 84 3.52 -24.95 -14.89
C ALA A 84 4.64 -23.96 -15.13
N PHE A 85 5.33 -24.11 -16.26
CA PHE A 85 6.43 -23.22 -16.59
C PHE A 85 5.88 -22.06 -17.39
N ILE A 86 5.91 -20.89 -16.76
CA ILE A 86 5.42 -19.65 -17.34
C ILE A 86 6.58 -18.89 -17.97
N HIS A 87 6.42 -18.53 -19.25
CA HIS A 87 7.47 -17.80 -19.94
C HIS A 87 7.05 -16.38 -20.27
N HIS A 88 7.99 -15.46 -20.12
CA HIS A 88 7.73 -14.06 -20.43
C HIS A 88 8.90 -13.56 -21.26
N CYS A 89 8.61 -13.11 -22.47
CA CYS A 89 9.66 -12.62 -23.34
C CYS A 89 9.38 -11.17 -23.75
N THR A 90 10.34 -10.30 -23.46
CA THR A 90 10.22 -8.89 -23.78
C THR A 90 11.04 -8.54 -25.01
N ILE A 91 10.34 -8.31 -26.12
CA ILE A 91 10.97 -7.95 -27.39
C ILE A 91 10.86 -6.44 -27.58
N LYS A 92 12.01 -5.80 -27.79
CA LYS A 92 12.01 -4.36 -27.97
C LYS A 92 12.42 -3.93 -29.37
N ASP A 93 12.44 -2.62 -29.60
CA ASP A 93 12.85 -2.05 -30.88
C ASP A 93 12.18 -2.57 -32.15
N LEU A 94 10.92 -2.97 -32.08
CA LEU A 94 10.25 -3.43 -33.29
C LEU A 94 10.00 -2.18 -34.14
N GLU A 95 9.28 -2.34 -35.25
CA GLU A 95 8.96 -1.21 -36.11
C GLU A 95 7.53 -0.76 -35.83
N TYR A 96 7.27 0.54 -35.93
CA TYR A 96 5.92 1.04 -35.69
C TYR A 96 4.97 0.63 -36.80
N ASP A 97 3.68 0.53 -36.46
CA ASP A 97 2.64 0.20 -37.41
C ASP A 97 2.98 -0.90 -38.40
N THR A 98 3.47 -2.03 -37.91
CA THR A 98 3.78 -3.15 -38.79
C THR A 98 3.30 -4.43 -38.15
N LYS A 99 2.77 -5.33 -38.97
CA LYS A 99 2.25 -6.61 -38.49
C LYS A 99 3.40 -7.58 -38.26
N TYR A 100 3.32 -8.32 -37.17
CA TYR A 100 4.35 -9.30 -36.83
C TYR A 100 3.73 -10.66 -36.55
N TYR A 101 4.44 -11.70 -36.95
CA TYR A 101 3.99 -13.06 -36.73
C TYR A 101 4.96 -13.67 -35.73
N TYR A 102 4.46 -14.50 -34.83
CA TYR A 102 5.33 -15.16 -33.87
C TYR A 102 4.76 -16.54 -33.62
N ARG A 103 5.63 -17.50 -33.32
CA ARG A 103 5.16 -18.86 -33.06
C ARG A 103 5.88 -19.51 -31.90
N LEU A 104 5.17 -20.41 -31.24
CA LEU A 104 5.69 -21.15 -30.09
C LEU A 104 5.52 -22.65 -30.35
N GLY A 105 6.30 -23.45 -29.64
CA GLY A 105 6.20 -24.90 -29.79
C GLY A 105 6.90 -25.50 -31.00
N PHE A 106 6.86 -26.83 -31.08
CA PHE A 106 7.45 -27.57 -32.19
C PHE A 106 6.64 -28.80 -32.55
N GLY A 107 6.98 -29.40 -33.69
CA GLY A 107 6.25 -30.58 -34.12
C GLY A 107 4.81 -30.22 -34.35
N ASP A 108 3.90 -31.07 -33.88
CA ASP A 108 2.49 -30.80 -34.05
C ASP A 108 1.89 -30.08 -32.85
N ALA A 109 2.74 -29.35 -32.13
CA ALA A 109 2.30 -28.57 -30.98
C ALA A 109 2.56 -27.10 -31.32
N LYS A 110 3.23 -26.90 -32.45
CA LYS A 110 3.58 -25.59 -32.97
C LYS A 110 2.33 -24.71 -33.13
N ARG A 111 2.43 -23.46 -32.68
CA ARG A 111 1.32 -22.52 -32.79
C ARG A 111 1.81 -21.15 -33.24
N GLN A 112 1.06 -20.55 -34.16
CA GLN A 112 1.43 -19.25 -34.70
C GLN A 112 0.35 -18.19 -34.43
N PHE A 113 0.82 -17.00 -34.04
CA PHE A 113 -0.07 -15.88 -33.76
C PHE A 113 0.50 -14.63 -34.44
N TRP A 114 -0.19 -13.52 -34.27
CA TRP A 114 0.26 -12.26 -34.86
C TRP A 114 -0.27 -11.09 -34.07
N PHE A 115 0.33 -9.93 -34.31
CA PHE A 115 -0.09 -8.71 -33.66
C PHE A 115 0.42 -7.55 -34.50
N VAL A 116 -0.07 -6.34 -34.21
CA VAL A 116 0.33 -5.18 -34.97
C VAL A 116 0.80 -4.06 -34.06
N THR A 117 2.07 -3.71 -34.13
CA THR A 117 2.58 -2.64 -33.31
C THR A 117 1.84 -1.36 -33.65
N PRO A 118 1.67 -0.47 -32.67
CA PRO A 118 0.97 0.79 -32.92
C PRO A 118 1.81 1.77 -33.72
N PRO A 119 1.15 2.80 -34.27
CA PRO A 119 1.90 3.79 -35.05
C PRO A 119 2.73 4.65 -34.10
N LYS A 120 3.76 5.28 -34.61
CA LYS A 120 4.60 6.15 -33.79
C LYS A 120 3.73 7.17 -33.06
N PRO A 121 4.07 7.49 -31.80
CA PRO A 121 3.32 8.45 -30.99
C PRO A 121 3.27 9.84 -31.65
N GLY A 122 2.05 10.36 -31.82
CA GLY A 122 1.88 11.66 -32.43
C GLY A 122 0.55 12.26 -32.05
N PRO A 123 0.43 13.60 -32.06
CA PRO A 123 -0.79 14.31 -31.70
C PRO A 123 -2.08 13.94 -32.43
N ASP A 124 -2.00 13.69 -33.73
CA ASP A 124 -3.23 13.37 -34.45
C ASP A 124 -3.34 11.91 -34.90
N VAL A 125 -2.52 11.04 -34.31
CA VAL A 125 -2.55 9.62 -34.69
C VAL A 125 -3.78 8.92 -34.11
N PRO A 126 -4.70 8.49 -34.98
CA PRO A 126 -5.91 7.81 -34.51
C PRO A 126 -5.65 6.41 -33.98
N TYR A 127 -6.52 5.94 -33.08
CA TYR A 127 -6.37 4.62 -32.50
C TYR A 127 -7.68 4.23 -31.81
N VAL A 128 -8.03 2.94 -31.87
CA VAL A 128 -9.25 2.45 -31.24
C VAL A 128 -8.98 1.49 -30.09
N PHE A 129 -9.34 1.90 -28.87
CA PHE A 129 -9.15 1.07 -27.67
C PHE A 129 -10.40 0.36 -27.22
N GLY A 130 -10.25 -0.91 -26.86
CA GLY A 130 -11.38 -1.67 -26.36
C GLY A 130 -11.39 -1.43 -24.87
N LEU A 131 -12.57 -1.53 -24.25
CA LEU A 131 -12.70 -1.30 -22.81
C LEU A 131 -13.43 -2.45 -22.14
N ILE A 132 -12.75 -3.11 -21.20
CA ILE A 132 -13.35 -4.24 -20.50
C ILE A 132 -12.90 -4.26 -19.04
N GLY A 133 -13.80 -4.71 -18.18
CA GLY A 133 -13.48 -4.79 -16.76
C GLY A 133 -14.29 -5.84 -16.03
N ASP A 134 -13.64 -6.53 -15.08
CA ASP A 134 -14.31 -7.54 -14.26
C ASP A 134 -15.01 -8.60 -15.10
N ILE A 135 -14.31 -9.12 -16.10
CA ILE A 135 -14.91 -10.12 -16.97
C ILE A 135 -15.12 -11.51 -16.36
N GLY A 136 -14.10 -12.07 -15.72
CA GLY A 136 -14.26 -13.37 -15.12
C GLY A 136 -14.36 -14.45 -16.18
N GLN A 137 -15.09 -15.53 -15.89
CA GLN A 137 -15.23 -16.61 -16.87
C GLN A 137 -16.60 -17.30 -16.85
N THR A 138 -17.65 -16.50 -16.96
CA THR A 138 -19.00 -17.01 -16.97
C THR A 138 -19.47 -17.03 -18.42
N HIS A 139 -20.72 -17.44 -18.66
CA HIS A 139 -21.22 -17.46 -20.03
C HIS A 139 -21.40 -16.04 -20.54
N ASP A 140 -21.73 -15.10 -19.65
CA ASP A 140 -21.86 -13.70 -20.03
C ASP A 140 -20.48 -13.20 -20.44
N SER A 141 -19.46 -13.64 -19.72
CA SER A 141 -18.08 -13.25 -19.98
C SER A 141 -17.71 -13.59 -21.41
N ASN A 142 -18.19 -14.75 -21.86
CA ASN A 142 -17.89 -15.20 -23.20
C ASN A 142 -18.61 -14.32 -24.22
N THR A 143 -19.84 -13.94 -23.90
CA THR A 143 -20.63 -13.09 -24.78
C THR A 143 -19.99 -11.72 -24.95
N THR A 144 -19.59 -11.13 -23.82
CA THR A 144 -18.95 -9.82 -23.80
C THR A 144 -17.76 -9.82 -24.75
N LEU A 145 -16.88 -10.80 -24.56
CA LEU A 145 -15.69 -10.92 -25.40
C LEU A 145 -16.06 -11.12 -26.88
N THR A 146 -17.06 -11.96 -27.14
CA THR A 146 -17.48 -12.23 -28.50
C THR A 146 -17.91 -10.91 -29.13
N HIS A 147 -18.74 -10.17 -28.40
CA HIS A 147 -19.21 -8.89 -28.91
C HIS A 147 -18.07 -7.92 -29.19
N TYR A 148 -17.04 -7.91 -28.35
CA TYR A 148 -15.93 -7.00 -28.60
C TYR A 148 -15.25 -7.36 -29.90
N GLU A 149 -15.07 -8.67 -30.11
CA GLU A 149 -14.41 -9.15 -31.31
C GLU A 149 -15.17 -8.81 -32.60
N GLN A 150 -16.50 -8.78 -32.52
CA GLN A 150 -17.32 -8.50 -33.68
C GLN A 150 -17.63 -7.02 -33.85
N ASN A 151 -17.32 -6.22 -32.82
CA ASN A 151 -17.61 -4.80 -32.87
C ASN A 151 -16.95 -4.17 -34.10
N SER A 152 -17.78 -3.61 -34.98
CA SER A 152 -17.29 -3.01 -36.21
C SER A 152 -16.25 -1.92 -36.01
N ALA A 153 -16.08 -1.47 -34.76
CA ALA A 153 -15.11 -0.40 -34.46
C ALA A 153 -13.68 -0.94 -34.51
N LYS A 154 -13.55 -2.26 -34.47
CA LYS A 154 -12.25 -2.92 -34.54
C LYS A 154 -11.16 -2.43 -33.58
N GLY A 155 -11.30 -2.80 -32.30
CA GLY A 155 -10.33 -2.40 -31.29
C GLY A 155 -8.98 -3.05 -31.51
N GLN A 156 -7.91 -2.28 -31.31
CA GLN A 156 -6.55 -2.76 -31.53
C GLN A 156 -5.83 -3.16 -30.24
N ALA A 157 -6.37 -2.74 -29.11
CA ALA A 157 -5.79 -3.05 -27.81
C ALA A 157 -6.89 -2.90 -26.79
N VAL A 158 -6.79 -3.68 -25.71
CA VAL A 158 -7.80 -3.61 -24.67
C VAL A 158 -7.27 -3.00 -23.39
N LEU A 159 -7.96 -1.98 -22.90
CA LEU A 159 -7.60 -1.34 -21.64
C LEU A 159 -8.46 -2.14 -20.65
N PHE A 160 -7.81 -2.86 -19.74
CA PHE A 160 -8.55 -3.70 -18.79
C PHE A 160 -8.60 -3.06 -17.40
N MET A 161 -9.82 -2.91 -16.88
CA MET A 161 -10.00 -2.25 -15.59
C MET A 161 -9.88 -3.05 -14.30
N GLY A 162 -9.42 -4.30 -14.38
CA GLY A 162 -9.24 -5.08 -13.17
C GLY A 162 -10.21 -6.21 -12.94
N ASP A 163 -9.80 -7.14 -12.07
CA ASP A 163 -10.57 -8.34 -11.74
C ASP A 163 -10.64 -9.22 -12.98
N LEU A 164 -9.57 -9.99 -13.17
CA LEU A 164 -9.44 -10.86 -14.33
C LEU A 164 -10.21 -12.16 -14.32
N SER A 165 -9.73 -13.13 -13.53
CA SER A 165 -10.33 -14.46 -13.49
C SER A 165 -11.37 -14.79 -12.44
N TYR A 166 -11.41 -14.06 -11.32
CA TYR A 166 -12.37 -14.37 -10.27
C TYR A 166 -12.22 -15.80 -9.79
N SER A 167 -11.02 -16.35 -9.92
CA SER A 167 -10.79 -17.71 -9.47
C SER A 167 -10.71 -17.73 -7.95
N ASN A 168 -10.44 -16.57 -7.36
CA ASN A 168 -10.34 -16.49 -5.91
C ASN A 168 -11.72 -16.77 -5.30
N ARG A 169 -12.72 -16.90 -6.16
CA ARG A 169 -14.08 -17.19 -5.68
C ARG A 169 -14.30 -18.70 -5.56
N TRP A 170 -13.36 -19.48 -6.05
CA TRP A 170 -13.47 -20.92 -5.95
C TRP A 170 -12.82 -21.39 -4.65
N PRO A 171 -13.07 -22.65 -4.25
CA PRO A 171 -12.46 -23.12 -3.01
C PRO A 171 -10.94 -22.92 -3.05
N ASN A 172 -10.39 -22.39 -1.96
CA ASN A 172 -8.96 -22.15 -1.87
C ASN A 172 -8.45 -21.28 -3.01
N HIS A 173 -9.30 -20.41 -3.56
CA HIS A 173 -8.89 -19.56 -4.67
C HIS A 173 -8.30 -20.41 -5.81
N ASP A 174 -8.83 -21.62 -5.98
CA ASP A 174 -8.38 -22.56 -7.00
C ASP A 174 -7.65 -21.90 -8.19
N ASN A 175 -6.32 -21.94 -8.16
CA ASN A 175 -5.54 -21.34 -9.24
C ASN A 175 -5.71 -22.07 -10.57
N ASN A 176 -6.44 -23.18 -10.55
CA ASN A 176 -6.68 -23.90 -11.80
C ASN A 176 -7.61 -23.04 -12.63
N ARG A 177 -8.37 -22.17 -11.96
CA ARG A 177 -9.28 -21.29 -12.67
C ARG A 177 -8.57 -20.08 -13.26
N TRP A 178 -7.31 -19.89 -12.89
CA TRP A 178 -6.51 -18.81 -13.48
C TRP A 178 -6.07 -19.38 -14.84
N ASP A 179 -5.72 -20.66 -14.85
CA ASP A 179 -5.28 -21.34 -16.06
C ASP A 179 -6.41 -21.37 -17.10
N THR A 180 -7.62 -21.67 -16.65
CA THR A 180 -8.76 -21.72 -17.56
C THR A 180 -8.97 -20.34 -18.15
N TRP A 181 -8.97 -19.33 -17.29
CA TRP A 181 -9.16 -17.98 -17.77
C TRP A 181 -8.09 -17.65 -18.82
N GLY A 182 -6.88 -18.17 -18.61
CA GLY A 182 -5.79 -17.90 -19.54
C GLY A 182 -6.05 -18.48 -20.91
N ARG A 183 -6.67 -19.64 -20.97
CA ARG A 183 -6.99 -20.28 -22.24
C ARG A 183 -8.17 -19.57 -22.89
N PHE A 184 -9.14 -19.21 -22.07
CA PHE A 184 -10.33 -18.53 -22.56
C PHE A 184 -10.02 -17.19 -23.21
N SER A 185 -9.29 -16.33 -22.49
CA SER A 185 -8.95 -15.00 -23.00
C SER A 185 -7.94 -15.00 -24.13
N GLU A 186 -7.18 -16.08 -24.25
CA GLU A 186 -6.15 -16.16 -25.26
C GLU A 186 -6.56 -15.77 -26.68
N ARG A 187 -7.77 -16.15 -27.09
CA ARG A 187 -8.21 -15.87 -28.45
C ARG A 187 -8.15 -14.38 -28.79
N SER A 188 -8.06 -13.54 -27.77
CA SER A 188 -7.97 -12.10 -27.98
C SER A 188 -6.59 -11.56 -27.60
N VAL A 189 -6.18 -11.77 -26.35
CA VAL A 189 -4.91 -11.25 -25.84
C VAL A 189 -3.68 -11.78 -26.54
N ALA A 190 -3.86 -12.86 -27.31
CA ALA A 190 -2.74 -13.45 -28.04
C ALA A 190 -2.48 -12.64 -29.31
N TYR A 191 -3.48 -11.86 -29.71
CA TYR A 191 -3.39 -11.05 -30.93
C TYR A 191 -3.29 -9.54 -30.72
N GLN A 192 -3.89 -9.04 -29.64
CA GLN A 192 -3.78 -7.61 -29.34
C GLN A 192 -3.48 -7.49 -27.86
N PRO A 193 -2.58 -6.58 -27.48
CA PRO A 193 -2.26 -6.43 -26.07
C PRO A 193 -3.38 -5.95 -25.17
N TRP A 194 -3.43 -6.49 -23.96
CA TRP A 194 -4.40 -6.05 -22.97
C TRP A 194 -3.52 -5.32 -21.96
N ILE A 195 -3.92 -4.11 -21.61
CA ILE A 195 -3.17 -3.28 -20.66
C ILE A 195 -3.81 -3.49 -19.30
N TRP A 196 -3.09 -4.23 -18.46
CA TRP A 196 -3.59 -4.61 -17.15
C TRP A 196 -3.65 -3.57 -16.04
N THR A 197 -4.72 -3.70 -15.25
CA THR A 197 -4.97 -2.87 -14.09
C THR A 197 -5.30 -3.90 -13.02
N ALA A 198 -4.70 -3.78 -11.85
CA ALA A 198 -4.94 -4.76 -10.79
C ALA A 198 -6.15 -4.43 -9.94
N GLY A 199 -7.07 -5.41 -9.83
CA GLY A 199 -8.28 -5.24 -9.04
C GLY A 199 -8.21 -6.07 -7.74
N ASN A 200 -9.15 -5.85 -6.83
CA ASN A 200 -9.16 -6.58 -5.57
C ASN A 200 -9.24 -8.10 -5.74
N HIS A 201 -9.66 -8.58 -6.91
CA HIS A 201 -9.70 -10.02 -7.12
C HIS A 201 -8.33 -10.56 -7.52
N GLU A 202 -7.35 -9.67 -7.63
CA GLU A 202 -6.00 -10.07 -7.94
C GLU A 202 -5.20 -10.06 -6.65
N ILE A 203 -5.83 -9.61 -5.56
CA ILE A 203 -5.13 -9.57 -4.28
C ILE A 203 -4.80 -10.97 -3.76
N ASP A 204 -5.73 -11.91 -3.91
CA ASP A 204 -5.51 -13.27 -3.47
C ASP A 204 -4.89 -13.41 -2.08
N TYR A 205 -5.50 -12.69 -1.12
CA TYR A 205 -5.05 -12.70 0.26
C TYR A 205 -5.85 -13.78 0.97
N ALA A 206 -5.18 -14.81 1.46
CA ALA A 206 -5.90 -15.89 2.13
C ALA A 206 -5.14 -16.43 3.35
N PRO A 207 -5.27 -15.75 4.51
CA PRO A 207 -4.60 -16.16 5.75
C PRO A 207 -5.05 -17.56 6.15
N ASP A 208 -6.33 -17.81 5.95
CA ASP A 208 -6.93 -19.11 6.27
C ASP A 208 -6.15 -20.27 5.67
N ILE A 209 -5.52 -20.07 4.52
CA ILE A 209 -4.73 -21.13 3.90
C ILE A 209 -3.27 -20.72 3.83
N GLY A 210 -2.91 -19.82 4.74
CA GLY A 210 -1.53 -19.36 4.84
C GLY A 210 -0.93 -18.55 3.72
N GLU A 211 -1.74 -17.76 3.03
CA GLU A 211 -1.22 -16.92 1.95
C GLU A 211 -1.44 -15.46 2.35
N TYR A 212 -0.42 -14.86 2.96
CA TYR A 212 -0.50 -13.48 3.43
C TYR A 212 0.05 -12.42 2.49
N GLN A 213 0.90 -12.80 1.55
CA GLN A 213 1.44 -11.83 0.60
C GLN A 213 0.55 -11.80 -0.65
N PRO A 214 -0.01 -10.62 -0.99
CA PRO A 214 -0.90 -10.43 -2.14
C PRO A 214 -0.30 -10.38 -3.54
N PHE A 215 -1.19 -10.56 -4.52
CA PHE A 215 -0.86 -10.50 -5.94
C PHE A 215 0.11 -11.57 -6.44
N VAL A 216 0.27 -12.66 -5.70
CA VAL A 216 1.23 -13.66 -6.14
C VAL A 216 0.88 -14.28 -7.49
N PRO A 217 -0.35 -14.80 -7.63
CA PRO A 217 -0.73 -15.41 -8.91
C PRO A 217 -0.74 -14.40 -10.07
N PHE A 218 -1.41 -13.28 -9.87
CA PHE A 218 -1.50 -12.26 -10.91
C PHE A 218 -0.14 -11.73 -11.34
N THR A 219 0.68 -11.39 -10.37
CA THR A 219 2.00 -10.86 -10.63
C THR A 219 2.90 -11.85 -11.38
N ASN A 220 2.70 -13.15 -11.16
CA ASN A 220 3.50 -14.15 -11.84
C ASN A 220 3.02 -14.43 -13.27
N ARG A 221 1.71 -14.34 -13.48
CA ARG A 221 1.11 -14.60 -14.77
C ARG A 221 1.08 -13.42 -15.74
N TYR A 222 0.82 -12.22 -15.21
CA TYR A 222 0.70 -11.07 -16.06
C TYR A 222 1.71 -9.95 -15.83
N PRO A 223 2.89 -10.06 -16.44
CA PRO A 223 3.91 -9.02 -16.27
C PRO A 223 3.44 -7.69 -16.83
N THR A 224 4.11 -6.62 -16.41
CA THR A 224 3.74 -5.28 -16.82
C THR A 224 5.00 -4.52 -17.24
N PRO A 225 4.85 -3.53 -18.13
CA PRO A 225 6.04 -2.76 -18.56
C PRO A 225 6.34 -1.63 -17.61
N HIS A 226 6.38 -1.91 -16.31
CA HIS A 226 6.61 -0.85 -15.35
C HIS A 226 8.00 -0.22 -15.35
N GLU A 227 9.05 -1.03 -15.47
CA GLU A 227 10.42 -0.50 -15.47
C GLU A 227 10.64 0.55 -16.54
N ALA A 228 10.14 0.29 -17.76
CA ALA A 228 10.31 1.22 -18.86
C ALA A 228 9.56 2.52 -18.58
N SER A 229 8.69 2.48 -17.58
CA SER A 229 7.89 3.62 -17.19
C SER A 229 8.53 4.37 -16.01
N GLY A 230 9.47 3.71 -15.34
CA GLY A 230 10.19 4.26 -14.19
C GLY A 230 9.64 3.77 -12.84
N SER A 231 8.75 2.78 -12.91
CA SER A 231 8.15 2.23 -11.72
C SER A 231 8.80 0.92 -11.32
N GLY A 232 9.02 0.75 -10.02
CA GLY A 232 9.63 -0.45 -9.50
C GLY A 232 8.61 -1.49 -9.07
N ASP A 233 7.35 -1.28 -9.47
CA ASP A 233 6.28 -2.20 -9.10
C ASP A 233 5.36 -2.42 -10.29
N PRO A 234 4.96 -3.68 -10.53
CA PRO A 234 4.07 -3.95 -11.65
C PRO A 234 2.63 -3.43 -11.54
N LEU A 235 2.18 -3.11 -10.34
CA LEU A 235 0.80 -2.64 -10.18
C LEU A 235 0.54 -1.21 -10.63
N TRP A 236 1.61 -0.43 -10.80
CA TRP A 236 1.44 0.94 -11.29
C TRP A 236 2.52 1.27 -12.33
N TYR A 237 2.07 1.84 -13.44
CA TYR A 237 2.99 2.17 -14.54
C TYR A 237 2.28 3.01 -15.59
N ALA A 238 3.04 3.41 -16.60
CA ALA A 238 2.49 4.20 -17.70
C ALA A 238 3.11 3.82 -19.04
N ILE A 239 2.32 3.98 -20.10
CA ILE A 239 2.80 3.70 -21.45
C ILE A 239 2.25 4.77 -22.37
N LYS A 240 2.87 4.87 -23.54
CA LYS A 240 2.44 5.82 -24.55
C LYS A 240 2.06 4.93 -25.73
N ARG A 241 0.90 5.17 -26.31
CA ARG A 241 0.50 4.39 -27.47
C ARG A 241 -0.27 5.33 -28.38
N ALA A 242 0.22 5.47 -29.61
CA ALA A 242 -0.39 6.34 -30.59
C ALA A 242 -0.41 7.77 -30.01
N SER A 243 -1.60 8.36 -29.93
CA SER A 243 -1.72 9.71 -29.42
C SER A 243 -2.05 9.77 -27.93
N ALA A 244 -2.07 8.61 -27.27
CA ALA A 244 -2.43 8.57 -25.86
C ALA A 244 -1.31 8.27 -24.87
N HIS A 245 -1.42 8.86 -23.69
CA HIS A 245 -0.48 8.64 -22.61
C HIS A 245 -1.37 8.02 -21.54
N ILE A 246 -1.14 6.74 -21.26
CA ILE A 246 -1.95 6.00 -20.29
C ILE A 246 -1.23 5.72 -18.98
N ILE A 247 -1.87 6.14 -17.89
CA ILE A 247 -1.33 5.94 -16.56
C ILE A 247 -2.24 4.92 -15.87
N VAL A 248 -1.66 3.83 -15.42
CA VAL A 248 -2.38 2.76 -14.74
C VAL A 248 -2.04 2.85 -13.25
N LEU A 249 -3.05 3.06 -12.40
CA LEU A 249 -2.85 3.18 -10.96
C LEU A 249 -3.33 1.95 -10.19
N SER A 250 -2.83 1.79 -8.96
CA SER A 250 -3.18 0.64 -8.13
C SER A 250 -3.99 1.01 -6.90
N SER A 251 -5.27 0.69 -6.96
CA SER A 251 -6.23 0.95 -5.89
C SER A 251 -5.92 0.30 -4.54
N TYR A 252 -5.35 -0.90 -4.56
CA TYR A 252 -5.06 -1.57 -3.30
C TYR A 252 -3.62 -1.52 -2.83
N SER A 253 -2.86 -0.58 -3.40
CA SER A 253 -1.47 -0.38 -2.99
C SER A 253 -1.48 0.95 -2.26
N GLY A 254 -0.44 1.24 -1.49
CA GLY A 254 -0.40 2.51 -0.80
C GLY A 254 -0.39 3.62 -1.84
N PHE A 255 -1.08 4.74 -1.60
CA PHE A 255 -1.09 5.82 -2.57
C PHE A 255 -1.10 7.22 -2.00
N VAL A 256 -0.93 7.36 -0.69
CA VAL A 256 -0.92 8.69 -0.07
C VAL A 256 0.41 9.36 -0.36
N LYS A 257 0.48 10.66 -0.06
CA LYS A 257 1.70 11.42 -0.30
C LYS A 257 2.88 10.72 0.36
N TYR A 258 4.02 10.72 -0.33
CA TYR A 258 5.29 10.10 0.09
C TYR A 258 5.40 8.61 -0.20
N SER A 259 4.30 7.97 -0.60
CA SER A 259 4.34 6.55 -0.90
C SER A 259 5.01 6.37 -2.27
N PRO A 260 5.63 5.21 -2.48
CA PRO A 260 6.28 4.96 -3.77
C PRO A 260 5.36 5.24 -4.98
N GLN A 261 4.13 4.75 -4.93
CA GLN A 261 3.21 4.96 -6.04
C GLN A 261 2.89 6.42 -6.24
N TYR A 262 2.69 7.13 -5.15
CA TYR A 262 2.39 8.53 -5.21
C TYR A 262 3.56 9.29 -5.84
N LYS A 263 4.77 9.00 -5.39
CA LYS A 263 5.92 9.68 -5.96
C LYS A 263 6.04 9.35 -7.44
N TRP A 264 5.84 8.08 -7.78
CA TRP A 264 5.95 7.70 -9.17
C TRP A 264 4.88 8.44 -10.00
N PHE A 265 3.65 8.42 -9.52
CA PHE A 265 2.55 9.07 -10.21
C PHE A 265 2.78 10.56 -10.46
N THR A 266 3.18 11.31 -9.43
CA THR A 266 3.39 12.73 -9.63
C THR A 266 4.51 12.98 -10.64
N SER A 267 5.61 12.23 -10.55
CA SER A 267 6.70 12.40 -11.50
C SER A 267 6.19 12.14 -12.93
N GLU A 268 5.40 11.07 -13.06
CA GLU A 268 4.83 10.68 -14.33
C GLU A 268 3.95 11.78 -14.92
N LEU A 269 3.22 12.49 -14.07
CA LEU A 269 2.37 13.54 -14.58
C LEU A 269 3.21 14.60 -15.28
N GLU A 270 4.38 14.91 -14.71
CA GLU A 270 5.25 15.91 -15.30
C GLU A 270 5.93 15.45 -16.60
N LYS A 271 5.95 14.14 -16.84
CA LYS A 271 6.57 13.61 -18.05
C LYS A 271 5.59 13.67 -19.23
N VAL A 272 4.31 13.86 -18.93
CA VAL A 272 3.29 13.93 -19.96
C VAL A 272 3.50 15.11 -20.90
N ASN A 273 3.29 14.87 -22.19
CA ASN A 273 3.43 15.89 -23.22
C ASN A 273 2.19 15.79 -24.11
N ARG A 274 1.29 16.75 -23.95
CA ARG A 274 0.04 16.76 -24.71
C ARG A 274 0.24 17.10 -26.17
N SER A 275 1.42 17.62 -26.50
CA SER A 275 1.73 17.96 -27.89
C SER A 275 2.15 16.71 -28.65
N GLU A 276 2.54 15.67 -27.92
CA GLU A 276 2.95 14.42 -28.52
C GLU A 276 1.79 13.45 -28.37
N THR A 277 1.23 13.38 -27.17
CA THR A 277 0.10 12.49 -26.90
C THR A 277 -1.00 13.30 -26.22
N PRO A 278 -1.94 13.80 -27.01
CA PRO A 278 -3.08 14.61 -26.58
C PRO A 278 -3.98 13.94 -25.55
N TRP A 279 -4.25 12.66 -25.76
CA TRP A 279 -5.15 11.96 -24.84
C TRP A 279 -4.54 11.37 -23.58
N LEU A 280 -4.82 12.03 -22.46
CA LEU A 280 -4.32 11.57 -21.16
C LEU A 280 -5.42 10.69 -20.54
N ILE A 281 -5.12 9.40 -20.44
CA ILE A 281 -6.05 8.41 -19.90
C ILE A 281 -5.57 7.78 -18.59
N VAL A 282 -6.49 7.58 -17.65
CA VAL A 282 -6.13 6.97 -16.38
C VAL A 282 -6.95 5.71 -16.12
N LEU A 283 -6.28 4.69 -15.59
CA LEU A 283 -6.96 3.46 -15.25
C LEU A 283 -6.78 3.15 -13.76
N VAL A 284 -7.90 2.87 -13.07
CA VAL A 284 -7.90 2.48 -11.67
C VAL A 284 -9.10 1.58 -11.52
N HIS A 285 -8.99 0.57 -10.67
CA HIS A 285 -10.09 -0.37 -10.50
C HIS A 285 -11.32 0.20 -9.81
N ALA A 286 -11.10 0.82 -8.65
CA ALA A 286 -12.18 1.40 -7.85
C ALA A 286 -12.48 2.81 -8.32
N PRO A 287 -13.71 3.06 -8.76
CA PRO A 287 -14.14 4.38 -9.26
C PRO A 287 -14.20 5.46 -8.19
N LEU A 288 -13.71 6.65 -8.54
CA LEU A 288 -13.72 7.78 -7.63
C LEU A 288 -15.15 8.34 -7.61
N TYR A 289 -15.89 8.07 -8.68
CA TYR A 289 -17.28 8.50 -8.78
C TYR A 289 -18.10 7.27 -9.14
N ASN A 290 -19.05 6.96 -8.26
CA ASN A 290 -19.92 5.80 -8.43
C ASN A 290 -21.19 6.07 -7.65
N SER A 291 -22.34 5.96 -8.30
CA SER A 291 -23.58 6.23 -7.56
C SER A 291 -24.39 4.95 -7.35
N TYR A 292 -23.73 3.81 -7.54
CA TYR A 292 -24.41 2.54 -7.32
C TYR A 292 -24.29 2.22 -5.84
N GLU A 293 -25.20 1.39 -5.34
CA GLU A 293 -25.18 1.00 -3.94
C GLU A 293 -23.87 0.26 -3.66
N ALA A 294 -23.61 -0.74 -4.49
CA ALA A 294 -22.40 -1.54 -4.38
C ALA A 294 -21.13 -0.69 -4.35
N HIS A 295 -20.26 -0.97 -3.38
CA HIS A 295 -18.99 -0.26 -3.22
C HIS A 295 -19.09 1.24 -3.14
N TYR A 296 -20.28 1.75 -2.84
CA TYR A 296 -20.49 3.17 -2.72
C TYR A 296 -19.40 3.84 -1.86
N MET A 297 -18.81 4.90 -2.40
CA MET A 297 -17.78 5.67 -1.71
C MET A 297 -16.48 4.93 -1.38
N GLU A 298 -16.32 3.71 -1.87
CA GLU A 298 -15.07 2.99 -1.58
C GLU A 298 -13.88 3.73 -2.18
N GLY A 299 -14.13 4.52 -3.22
CA GLY A 299 -13.06 5.25 -3.86
C GLY A 299 -12.79 6.63 -3.26
N GLU A 300 -13.46 6.95 -2.17
CA GLU A 300 -13.27 8.26 -1.56
C GLU A 300 -11.83 8.53 -1.11
N ALA A 301 -11.17 7.53 -0.53
CA ALA A 301 -9.79 7.71 -0.07
C ALA A 301 -8.88 8.14 -1.21
N MET A 302 -8.91 7.41 -2.32
CA MET A 302 -8.07 7.80 -3.45
C MET A 302 -8.50 9.12 -4.06
N ARG A 303 -9.80 9.40 -4.09
CA ARG A 303 -10.24 10.65 -4.67
C ARG A 303 -9.63 11.83 -3.93
N ALA A 304 -9.56 11.71 -2.61
CA ALA A 304 -9.00 12.76 -1.76
C ALA A 304 -7.59 13.14 -2.15
N ILE A 305 -6.76 12.14 -2.45
CA ILE A 305 -5.38 12.41 -2.81
C ILE A 305 -5.15 12.66 -4.29
N PHE A 306 -5.75 11.83 -5.14
CA PHE A 306 -5.57 11.96 -6.58
C PHE A 306 -6.48 12.88 -7.40
N GLU A 307 -7.74 13.06 -7.01
CA GLU A 307 -8.62 13.92 -7.80
C GLU A 307 -7.97 15.29 -8.08
N PRO A 308 -7.38 15.92 -7.06
CA PRO A 308 -6.76 17.24 -7.31
C PRO A 308 -5.81 17.23 -8.52
N TYR A 309 -5.06 16.16 -8.68
CA TYR A 309 -4.13 16.05 -9.79
C TYR A 309 -4.83 15.79 -11.11
N PHE A 310 -5.81 14.90 -11.09
CA PHE A 310 -6.57 14.57 -12.30
C PHE A 310 -7.06 15.87 -12.93
N VAL A 311 -7.51 16.77 -12.08
CA VAL A 311 -8.05 18.05 -12.53
C VAL A 311 -6.97 19.04 -12.94
N TYR A 312 -5.90 19.12 -12.17
CA TYR A 312 -4.84 20.07 -12.50
C TYR A 312 -4.13 19.79 -13.83
N TYR A 313 -3.91 18.52 -14.14
CA TYR A 313 -3.24 18.12 -15.38
C TYR A 313 -4.26 17.81 -16.46
N LYS A 314 -5.52 17.99 -16.11
CA LYS A 314 -6.63 17.79 -17.03
C LYS A 314 -6.78 16.42 -17.68
N VAL A 315 -6.79 15.37 -16.89
CA VAL A 315 -6.98 14.04 -17.45
C VAL A 315 -8.26 14.11 -18.29
N ASP A 316 -8.23 13.51 -19.47
CA ASP A 316 -9.38 13.54 -20.37
C ASP A 316 -10.49 12.62 -19.91
N ILE A 317 -10.10 11.41 -19.52
CA ILE A 317 -11.06 10.42 -19.09
C ILE A 317 -10.42 9.40 -18.15
N VAL A 318 -11.23 8.89 -17.24
CA VAL A 318 -10.79 7.90 -16.27
C VAL A 318 -11.69 6.67 -16.38
N PHE A 319 -11.07 5.51 -16.57
CA PHE A 319 -11.81 4.25 -16.68
C PHE A 319 -11.60 3.40 -15.42
N SER A 320 -12.69 2.85 -14.89
CA SER A 320 -12.64 1.99 -13.72
C SER A 320 -13.59 0.83 -13.88
N GLY A 321 -13.53 -0.12 -12.96
CA GLY A 321 -14.42 -1.28 -12.99
C GLY A 321 -15.01 -1.44 -11.60
N HIS A 322 -14.80 -2.59 -10.99
CA HIS A 322 -15.25 -2.88 -9.63
C HIS A 322 -16.76 -2.97 -9.44
N VAL A 323 -17.49 -1.98 -9.94
CA VAL A 323 -18.96 -2.00 -9.83
C VAL A 323 -19.45 -2.73 -11.06
N HIS A 324 -20.15 -3.83 -10.84
CA HIS A 324 -20.64 -4.66 -11.93
C HIS A 324 -21.83 -4.09 -12.68
N SER A 325 -21.57 -3.01 -13.40
CA SER A 325 -22.58 -2.33 -14.19
C SER A 325 -21.89 -1.17 -14.88
N TYR A 326 -22.68 -0.35 -15.56
CA TYR A 326 -22.10 0.77 -16.28
C TYR A 326 -22.56 2.13 -15.77
N GLU A 327 -21.65 3.10 -15.89
CA GLU A 327 -21.94 4.46 -15.48
C GLU A 327 -20.93 5.43 -16.07
N ARG A 328 -21.43 6.61 -16.40
CA ARG A 328 -20.64 7.67 -17.00
C ARG A 328 -21.01 8.97 -16.30
N SER A 329 -20.00 9.71 -15.86
CA SER A 329 -20.24 10.96 -15.15
C SER A 329 -20.14 12.19 -16.06
N GLU A 330 -20.47 13.34 -15.49
CA GLU A 330 -20.38 14.62 -16.19
C GLU A 330 -18.98 15.06 -15.78
N ARG A 331 -18.41 16.04 -16.46
CA ARG A 331 -17.10 16.51 -16.06
C ARG A 331 -17.30 17.31 -14.78
N VAL A 332 -16.97 16.70 -13.65
CA VAL A 332 -17.13 17.35 -12.35
C VAL A 332 -15.91 17.20 -11.44
N SER A 333 -15.86 17.97 -10.35
CA SER A 333 -14.75 17.89 -9.39
C SER A 333 -15.24 18.23 -8.00
N ASN A 334 -14.50 17.79 -7.00
CA ASN A 334 -14.81 18.06 -5.60
C ASN A 334 -13.47 18.26 -4.91
N VAL A 335 -12.71 19.25 -5.38
CA VAL A 335 -11.38 19.51 -4.83
C VAL A 335 -11.23 20.82 -4.08
N ALA A 336 -12.34 21.41 -3.67
CA ALA A 336 -12.29 22.68 -2.97
C ALA A 336 -12.25 22.57 -1.45
N TYR A 337 -12.56 21.38 -0.93
CA TYR A 337 -12.62 21.13 0.50
C TYR A 337 -11.34 21.32 1.29
N ASN A 338 -11.45 21.93 2.46
CA ASN A 338 -10.32 22.14 3.35
C ASN A 338 -10.80 21.99 4.80
N ILE A 339 -11.90 21.27 4.97
CA ILE A 339 -12.54 21.04 6.27
C ILE A 339 -13.36 22.26 6.69
N VAL A 340 -12.68 23.35 7.03
CA VAL A 340 -13.30 24.56 7.50
C VAL A 340 -14.33 25.21 6.59
N ASN A 341 -14.06 25.23 5.28
CA ASN A 341 -14.99 25.86 4.34
C ASN A 341 -16.23 25.02 4.08
N ALA A 342 -16.19 23.76 4.49
CA ALA A 342 -17.31 22.84 4.28
C ALA A 342 -17.70 22.69 2.80
N LYS A 343 -16.80 23.03 1.89
CA LYS A 343 -17.11 22.90 0.48
C LYS A 343 -16.87 21.47 0.06
N CYS A 344 -17.92 20.66 0.11
CA CYS A 344 -17.80 19.25 -0.24
C CYS A 344 -18.82 18.74 -1.25
N THR A 345 -19.23 19.62 -2.17
CA THR A 345 -20.20 19.24 -3.18
C THR A 345 -19.58 19.20 -4.58
N PRO A 346 -19.70 18.07 -5.28
CA PRO A 346 -19.12 18.02 -6.63
C PRO A 346 -19.78 19.07 -7.52
N VAL A 347 -18.97 19.85 -8.22
CA VAL A 347 -19.48 20.91 -9.08
C VAL A 347 -18.98 20.76 -10.51
N SER A 348 -19.80 21.22 -11.46
CA SER A 348 -19.44 21.17 -12.87
C SER A 348 -18.04 21.75 -13.02
N ASP A 349 -17.16 21.04 -13.74
CA ASP A 349 -15.79 21.51 -13.93
C ASP A 349 -15.21 21.02 -15.27
N GLU A 350 -15.08 21.94 -16.22
CA GLU A 350 -14.58 21.61 -17.56
C GLU A 350 -13.09 21.23 -17.55
N SER A 351 -12.45 21.35 -16.40
CA SER A 351 -11.04 20.99 -16.32
C SER A 351 -10.90 19.55 -15.79
N ALA A 352 -12.04 18.96 -15.43
CA ALA A 352 -12.08 17.61 -14.91
C ALA A 352 -12.40 16.58 -15.99
N PRO A 353 -11.94 15.34 -15.80
CA PRO A 353 -12.19 14.27 -16.78
C PRO A 353 -13.59 13.69 -16.65
N VAL A 354 -13.93 12.84 -17.59
CA VAL A 354 -15.20 12.16 -17.54
C VAL A 354 -14.86 10.86 -16.83
N TYR A 355 -15.69 10.45 -15.88
CA TYR A 355 -15.44 9.21 -15.16
C TYR A 355 -16.31 8.05 -15.67
N ILE A 356 -15.64 6.96 -16.05
CA ILE A 356 -16.32 5.79 -16.57
C ILE A 356 -16.21 4.54 -15.69
N THR A 357 -17.33 3.87 -15.50
CA THR A 357 -17.40 2.63 -14.75
C THR A 357 -17.86 1.55 -15.73
N ILE A 358 -16.98 0.61 -16.02
CA ILE A 358 -17.29 -0.47 -16.95
C ILE A 358 -16.86 -1.81 -16.38
N GLY A 359 -17.26 -2.09 -15.14
CA GLY A 359 -16.92 -3.36 -14.53
C GLY A 359 -18.03 -4.38 -14.81
N ASP A 360 -18.60 -4.32 -16.00
CA ASP A 360 -19.69 -5.21 -16.35
C ASP A 360 -19.34 -6.28 -17.36
N GLY A 361 -18.12 -6.79 -17.30
CA GLY A 361 -17.68 -7.81 -18.21
C GLY A 361 -18.43 -9.12 -18.09
N GLY A 362 -19.10 -9.34 -16.96
CA GLY A 362 -19.87 -10.56 -16.77
C GLY A 362 -19.42 -11.60 -15.78
N ASN A 363 -18.54 -11.26 -14.83
CA ASN A 363 -18.08 -12.25 -13.85
C ASN A 363 -19.23 -12.88 -13.07
N SER A 364 -18.93 -14.02 -12.44
CA SER A 364 -19.91 -14.80 -11.68
C SER A 364 -20.76 -14.09 -10.60
N GLU A 365 -20.22 -13.05 -9.99
CA GLU A 365 -20.94 -12.34 -8.95
C GLU A 365 -22.21 -11.68 -9.47
N GLY A 366 -22.27 -11.46 -10.79
CA GLY A 366 -23.47 -10.87 -11.35
C GLY A 366 -23.53 -9.36 -11.43
N LEU A 367 -24.72 -8.87 -11.76
CA LEU A 367 -24.96 -7.44 -11.92
C LEU A 367 -25.21 -6.70 -10.63
N ALA A 368 -24.72 -5.47 -10.59
CA ALA A 368 -24.89 -4.57 -9.45
C ALA A 368 -26.08 -3.69 -9.84
N SER A 369 -27.27 -4.15 -9.48
CA SER A 369 -28.52 -3.46 -9.83
C SER A 369 -28.98 -2.26 -9.02
N GLU A 370 -28.94 -2.36 -7.69
CA GLU A 370 -29.40 -1.25 -6.88
C GLU A 370 -28.54 0.00 -7.00
N MET A 371 -29.18 1.14 -7.25
CA MET A 371 -28.48 2.39 -7.39
C MET A 371 -28.95 3.37 -6.32
N THR A 372 -28.10 4.35 -5.98
CA THR A 372 -28.49 5.35 -5.00
C THR A 372 -29.59 6.12 -5.69
N GLN A 373 -30.42 6.80 -4.91
CA GLN A 373 -31.53 7.53 -5.47
C GLN A 373 -31.70 8.92 -4.86
N PRO A 374 -32.08 9.92 -5.66
CA PRO A 374 -32.34 9.77 -7.09
C PRO A 374 -30.98 9.87 -7.78
N GLN A 375 -30.94 9.88 -9.11
CA GLN A 375 -29.64 9.96 -9.77
C GLN A 375 -28.92 11.28 -9.48
N PRO A 376 -27.71 11.23 -8.88
CA PRO A 376 -27.00 12.47 -8.57
C PRO A 376 -26.67 13.23 -9.85
N SER A 377 -26.68 14.56 -9.76
CA SER A 377 -26.40 15.37 -10.94
C SER A 377 -25.04 15.10 -11.56
N TYR A 378 -24.08 14.60 -10.79
CA TYR A 378 -22.76 14.34 -11.37
C TYR A 378 -22.76 13.11 -12.27
N SER A 379 -23.85 12.34 -12.23
CA SER A 379 -23.96 11.13 -13.04
C SER A 379 -24.79 11.39 -14.30
N ALA A 380 -24.23 11.09 -15.46
CA ALA A 380 -24.92 11.34 -16.73
C ALA A 380 -25.69 10.14 -17.25
N PHE A 381 -25.18 8.94 -16.98
CA PHE A 381 -25.82 7.74 -17.48
C PHE A 381 -25.40 6.55 -16.62
N ARG A 382 -26.37 5.73 -16.24
CA ARG A 382 -26.11 4.57 -15.41
C ARG A 382 -27.06 3.44 -15.74
N GLU A 383 -26.52 2.29 -16.10
CA GLU A 383 -27.36 1.15 -16.39
C GLU A 383 -26.64 -0.14 -16.02
N ALA A 384 -27.38 -1.06 -15.43
CA ALA A 384 -26.83 -2.35 -15.04
C ALA A 384 -27.07 -3.36 -16.15
N SER A 385 -26.06 -3.52 -17.01
CA SER A 385 -26.10 -4.48 -18.12
C SER A 385 -24.69 -4.88 -18.49
N PHE A 386 -24.51 -6.14 -18.87
CA PHE A 386 -23.20 -6.62 -19.25
C PHE A 386 -22.78 -5.96 -20.55
N GLY A 387 -21.49 -5.80 -20.76
CA GLY A 387 -21.03 -5.19 -21.99
C GLY A 387 -19.57 -4.81 -22.00
N HIS A 388 -19.18 -4.09 -23.04
CA HIS A 388 -17.82 -3.62 -23.18
C HIS A 388 -17.88 -2.20 -23.76
N GLY A 389 -16.76 -1.49 -23.76
CA GLY A 389 -16.76 -0.14 -24.27
C GLY A 389 -15.68 0.10 -25.28
N ILE A 390 -15.80 1.20 -26.01
CA ILE A 390 -14.84 1.56 -27.03
C ILE A 390 -14.45 3.03 -26.87
N PHE A 391 -13.15 3.31 -26.99
CA PHE A 391 -12.67 4.67 -26.92
C PHE A 391 -12.00 4.84 -28.27
N ASP A 392 -12.67 5.55 -29.16
CA ASP A 392 -12.18 5.75 -30.52
C ASP A 392 -11.53 7.10 -30.73
N ILE A 393 -10.20 7.14 -30.74
CA ILE A 393 -9.50 8.42 -30.95
C ILE A 393 -9.39 8.75 -32.45
N LYS A 394 -9.93 9.90 -32.84
CA LYS A 394 -9.89 10.33 -34.23
C LYS A 394 -8.72 11.29 -34.49
N ASN A 395 -8.54 12.24 -33.58
CA ASN A 395 -7.46 13.22 -33.71
C ASN A 395 -7.21 13.91 -32.37
N ARG A 396 -6.32 14.90 -32.37
CA ARG A 396 -5.98 15.60 -31.13
C ARG A 396 -7.15 16.28 -30.44
N THR A 397 -8.27 16.48 -31.13
CA THR A 397 -9.38 17.16 -30.48
C THR A 397 -10.60 16.29 -30.25
N HIS A 398 -10.78 15.25 -31.06
CA HIS A 398 -11.93 14.39 -30.93
C HIS A 398 -11.62 12.95 -30.64
N ALA A 399 -12.47 12.37 -29.81
CA ALA A 399 -12.37 10.97 -29.41
C ALA A 399 -13.82 10.57 -29.13
N HIS A 400 -14.22 9.40 -29.60
CA HIS A 400 -15.58 8.95 -29.39
C HIS A 400 -15.68 7.73 -28.47
N PHE A 401 -16.39 7.90 -27.36
CA PHE A 401 -16.58 6.80 -26.43
C PHE A 401 -17.97 6.21 -26.64
N SER A 402 -18.10 4.89 -26.45
CA SER A 402 -19.40 4.24 -26.59
C SER A 402 -19.48 2.98 -25.76
N TRP A 403 -20.68 2.67 -25.29
CA TRP A 403 -20.92 1.50 -24.48
C TRP A 403 -21.75 0.50 -25.28
N HIS A 404 -21.34 -0.78 -25.25
CA HIS A 404 -22.03 -1.83 -26.00
C HIS A 404 -22.56 -2.93 -25.07
N ARG A 405 -23.89 -3.06 -25.03
CA ARG A 405 -24.55 -4.06 -24.20
C ARG A 405 -24.65 -5.42 -24.90
N ASN A 406 -24.58 -6.49 -24.13
CA ASN A 406 -24.67 -7.83 -24.69
C ASN A 406 -26.04 -8.17 -25.30
N GLN A 407 -27.09 -7.47 -24.86
CA GLN A 407 -28.42 -7.73 -25.40
C GLN A 407 -28.49 -7.18 -26.83
N ASP A 408 -27.70 -6.14 -27.10
CA ASP A 408 -27.67 -5.49 -28.41
C ASP A 408 -26.63 -6.08 -29.35
N GLY A 409 -26.64 -5.59 -30.58
CA GLY A 409 -25.69 -6.05 -31.57
C GLY A 409 -24.31 -5.57 -31.19
N ALA A 410 -23.30 -6.39 -31.47
CA ALA A 410 -21.92 -6.04 -31.16
C ALA A 410 -21.60 -4.58 -31.46
N SER A 411 -22.22 -4.04 -32.51
CA SER A 411 -21.96 -2.66 -32.92
C SER A 411 -22.94 -1.61 -32.41
N VAL A 412 -24.03 -2.04 -31.78
CA VAL A 412 -25.02 -1.09 -31.27
C VAL A 412 -24.49 -0.35 -30.04
N GLU A 413 -24.65 0.97 -30.04
CA GLU A 413 -24.20 1.81 -28.93
C GLU A 413 -25.37 2.27 -28.07
N ALA A 414 -25.48 1.74 -26.86
CA ALA A 414 -26.54 2.11 -25.93
C ALA A 414 -26.26 3.47 -25.28
N ASP A 415 -25.01 3.88 -25.35
CA ASP A 415 -24.62 5.16 -24.81
C ASP A 415 -23.32 5.55 -25.49
N SER A 416 -23.07 6.85 -25.57
CA SER A 416 -21.86 7.31 -26.23
C SER A 416 -21.60 8.77 -25.92
N LEU A 417 -20.39 9.21 -26.22
CA LEU A 417 -20.03 10.58 -25.96
C LEU A 417 -18.86 10.97 -26.81
N TRP A 418 -18.98 12.13 -27.45
CA TRP A 418 -17.89 12.63 -28.25
C TRP A 418 -17.14 13.53 -27.28
N LEU A 419 -15.90 13.18 -27.01
CA LEU A 419 -15.10 13.97 -26.09
C LEU A 419 -14.27 14.99 -26.84
N LEU A 420 -14.10 16.17 -26.23
CA LEU A 420 -13.28 17.24 -26.77
C LEU A 420 -12.05 17.21 -25.88
N ASN A 421 -10.88 17.06 -26.47
CA ASN A 421 -9.64 17.02 -25.69
C ASN A 421 -9.62 18.23 -24.76
N ARG A 422 -9.12 18.04 -23.55
CA ARG A 422 -9.06 19.12 -22.57
C ARG A 422 -7.91 20.10 -22.84
N TYR A 423 -6.92 19.66 -23.61
CA TYR A 423 -5.77 20.51 -23.90
C TYR A 423 -5.90 21.24 -25.24
N TRP A 424 -6.49 20.59 -26.24
CA TRP A 424 -6.68 21.19 -27.56
C TRP A 424 -8.17 21.38 -27.87
N LEU B 1 14.48 23.82 4.34
CA LEU B 1 14.65 22.96 5.51
C LEU B 1 16.15 22.75 5.77
N PRO B 2 16.57 22.81 7.03
CA PRO B 2 17.97 22.64 7.45
C PRO B 2 18.68 21.44 6.85
N ASN B 3 19.99 21.57 6.66
CA ASN B 3 20.80 20.50 6.10
C ASN B 3 21.14 19.50 7.21
N ALA B 4 20.78 18.24 7.00
CA ALA B 4 21.03 17.20 7.99
C ALA B 4 22.49 17.12 8.41
N GLU B 5 23.40 17.32 7.46
CA GLU B 5 24.83 17.25 7.73
C GLU B 5 25.34 18.37 8.61
N ASP B 6 24.51 19.39 8.82
CA ASP B 6 24.91 20.53 9.63
C ASP B 6 24.31 20.56 11.02
N VAL B 7 23.20 19.84 11.21
CA VAL B 7 22.54 19.85 12.51
C VAL B 7 22.53 18.53 13.26
N ASP B 8 22.60 17.43 12.54
CA ASP B 8 22.63 16.13 13.21
C ASP B 8 23.90 16.08 14.05
N MET B 9 23.90 15.27 15.11
CA MET B 9 25.09 15.18 15.95
C MET B 9 26.26 14.62 15.12
N PRO B 10 27.49 15.08 15.40
CA PRO B 10 28.71 14.64 14.70
C PRO B 10 28.91 13.13 14.78
N TRP B 11 29.59 12.57 13.81
CA TRP B 11 29.85 11.13 13.80
C TRP B 11 30.61 10.67 15.04
N ASP B 12 31.50 11.52 15.55
CA ASP B 12 32.32 11.22 16.73
C ASP B 12 31.63 11.49 18.08
N SER B 13 30.38 11.94 18.02
CA SER B 13 29.65 12.21 19.25
C SER B 13 29.71 11.03 20.22
N ASP B 14 29.83 11.32 21.50
CA ASP B 14 29.91 10.27 22.51
C ASP B 14 28.74 9.30 22.40
N VAL B 15 27.56 9.84 22.14
CA VAL B 15 26.36 9.04 22.03
C VAL B 15 26.42 8.04 20.86
N PHE B 16 27.41 8.17 19.99
CA PHE B 16 27.57 7.26 18.85
C PHE B 16 28.76 6.31 19.04
N ALA B 17 29.42 6.41 20.18
CA ALA B 17 30.58 5.57 20.46
C ALA B 17 30.31 4.06 20.33
N VAL B 18 31.25 3.36 19.71
CA VAL B 18 31.16 1.92 19.54
C VAL B 18 31.66 1.22 20.80
N PRO B 19 30.90 0.26 21.33
CA PRO B 19 31.35 -0.43 22.53
C PRO B 19 32.66 -1.19 22.27
N SER B 20 33.61 -1.10 23.20
CA SER B 20 34.90 -1.75 23.04
C SER B 20 34.86 -3.28 23.15
N GLY B 21 35.94 -3.92 22.69
CA GLY B 21 36.03 -5.37 22.73
C GLY B 21 35.87 -5.96 21.33
N TYR B 22 36.46 -7.13 21.11
CA TYR B 22 36.36 -7.79 19.82
C TYR B 22 34.93 -8.17 19.50
N ASN B 23 34.48 -7.82 18.29
CA ASN B 23 33.13 -8.13 17.80
C ASN B 23 32.01 -7.74 18.78
N ALA B 24 32.19 -6.60 19.43
CA ALA B 24 31.24 -6.13 20.43
C ALA B 24 29.81 -6.04 19.92
N PRO B 25 28.84 -6.57 20.70
CA PRO B 25 27.44 -6.52 20.31
C PRO B 25 27.03 -5.06 20.45
N GLN B 26 26.43 -4.49 19.41
CA GLN B 26 26.02 -3.10 19.45
C GLN B 26 24.61 -2.87 18.90
N GLN B 27 24.17 -1.61 18.91
CA GLN B 27 22.83 -1.25 18.43
C GLN B 27 21.82 -2.22 19.04
N VAL B 28 21.93 -2.40 20.34
CA VAL B 28 21.06 -3.31 21.07
C VAL B 28 19.69 -2.67 21.33
N HIS B 29 18.62 -3.40 21.05
CA HIS B 29 17.27 -2.90 21.29
C HIS B 29 16.25 -4.04 21.44
N ILE B 30 15.18 -3.78 22.17
CA ILE B 30 14.15 -4.79 22.38
C ILE B 30 12.75 -4.27 22.12
N THR B 31 11.80 -5.17 21.95
CA THR B 31 10.43 -4.77 21.75
C THR B 31 9.60 -5.98 22.17
N GLN B 32 8.32 -5.76 22.45
CA GLN B 32 7.46 -6.85 22.87
C GLN B 32 7.49 -7.95 21.82
N GLY B 33 7.59 -9.21 22.27
CA GLY B 33 7.67 -10.34 21.35
C GLY B 33 6.42 -11.19 21.21
N ASP B 34 5.40 -10.94 22.02
CA ASP B 34 4.18 -11.72 21.90
C ASP B 34 2.97 -10.83 22.04
N TYR B 35 1.80 -11.43 21.93
CA TYR B 35 0.53 -10.73 22.03
C TYR B 35 0.15 -10.36 23.48
N GLU B 36 0.50 -11.22 24.44
CA GLU B 36 0.18 -11.03 25.86
C GLU B 36 1.13 -10.15 26.68
N GLY B 37 2.42 -10.25 26.39
CA GLY B 37 3.39 -9.45 27.13
C GLY B 37 4.52 -10.25 27.74
N ARG B 38 4.36 -11.57 27.82
CA ARG B 38 5.42 -12.38 28.40
C ARG B 38 6.42 -12.77 27.32
N GLY B 39 6.47 -11.97 26.27
CA GLY B 39 7.37 -12.20 25.15
C GLY B 39 8.23 -10.99 24.88
N VAL B 40 9.37 -11.19 24.23
CA VAL B 40 10.30 -10.12 23.92
C VAL B 40 11.16 -10.47 22.72
N ILE B 41 11.53 -9.44 21.94
CA ILE B 41 12.41 -9.64 20.80
C ILE B 41 13.67 -8.82 21.07
N ILE B 42 14.79 -9.50 21.27
CA ILE B 42 16.04 -8.80 21.55
C ILE B 42 16.83 -8.72 20.26
N SER B 43 17.30 -7.52 19.95
CA SER B 43 18.09 -7.28 18.75
C SER B 43 19.43 -6.66 19.07
N TRP B 44 20.46 -7.13 18.37
CA TRP B 44 21.81 -6.62 18.57
C TRP B 44 22.57 -6.85 17.28
N THR B 45 23.55 -6.00 17.02
CA THR B 45 24.34 -6.10 15.81
C THR B 45 25.81 -6.36 16.09
N THR B 46 26.40 -7.21 15.29
CA THR B 46 27.79 -7.57 15.46
C THR B 46 28.54 -7.47 14.13
N PRO B 47 29.74 -6.87 14.13
CA PRO B 47 30.53 -6.73 12.91
C PRO B 47 30.97 -8.04 12.25
N TYR B 48 31.05 -9.11 13.04
CA TYR B 48 31.46 -10.42 12.52
C TYR B 48 30.49 -11.49 13.00
N ASP B 49 30.34 -12.55 12.22
CA ASP B 49 29.43 -13.62 12.58
C ASP B 49 30.18 -14.86 13.04
N LYS B 50 30.94 -14.71 14.12
CA LYS B 50 31.70 -15.84 14.64
C LYS B 50 31.07 -16.44 15.89
N ALA B 51 31.38 -17.71 16.14
CA ALA B 51 30.82 -18.42 17.29
C ALA B 51 30.65 -17.57 18.53
N GLY B 52 29.44 -17.54 19.07
CA GLY B 52 29.17 -16.76 20.26
C GLY B 52 28.43 -15.45 20.01
N ALA B 53 28.65 -14.84 18.87
CA ALA B 53 28.02 -13.57 18.53
C ALA B 53 26.50 -13.69 18.38
N ASN B 54 26.01 -14.90 18.21
CA ASN B 54 24.59 -15.12 18.02
C ASN B 54 23.88 -15.76 19.23
N LYS B 55 24.39 -15.49 20.43
CA LYS B 55 23.81 -16.06 21.64
C LYS B 55 23.46 -15.04 22.71
N VAL B 56 22.27 -15.21 23.28
CA VAL B 56 21.81 -14.34 24.35
C VAL B 56 21.67 -15.18 25.60
N PHE B 57 22.13 -14.63 26.72
CA PHE B 57 22.03 -15.31 27.99
C PHE B 57 21.08 -14.43 28.78
N TYR B 58 20.01 -15.02 29.29
CA TYR B 58 19.04 -14.24 30.07
C TYR B 58 18.58 -15.02 31.30
N TRP B 59 18.23 -14.28 32.36
CA TRP B 59 17.78 -14.93 33.59
C TRP B 59 16.96 -13.97 34.47
N SER B 60 16.23 -14.54 35.43
CA SER B 60 15.40 -13.79 36.36
C SER B 60 16.24 -13.20 37.47
N GLU B 61 15.88 -12.00 37.92
CA GLU B 61 16.62 -11.35 38.98
C GLU B 61 16.69 -12.32 40.15
N ASN B 62 15.56 -12.96 40.42
CA ASN B 62 15.45 -13.93 41.51
C ASN B 62 16.36 -15.15 41.30
N SER B 63 16.39 -15.66 40.06
CA SER B 63 17.20 -16.82 39.73
C SER B 63 18.69 -16.53 39.65
N LYS B 64 19.46 -17.61 39.55
CA LYS B 64 20.91 -17.55 39.44
C LYS B 64 21.22 -18.40 38.22
N SER B 65 20.23 -19.21 37.86
CA SER B 65 20.29 -20.11 36.72
C SER B 65 19.98 -19.33 35.45
N GLN B 66 21.01 -19.10 34.63
CA GLN B 66 20.81 -18.35 33.40
C GLN B 66 20.58 -19.24 32.20
N LYS B 67 19.64 -18.84 31.35
CA LYS B 67 19.28 -19.55 30.13
C LYS B 67 20.01 -18.92 28.96
N ARG B 68 20.07 -19.64 27.84
CA ARG B 68 20.73 -19.12 26.64
C ARG B 68 19.87 -19.38 25.44
N ALA B 69 19.85 -18.42 24.52
CA ALA B 69 19.07 -18.54 23.30
C ALA B 69 19.90 -18.10 22.12
N MET B 70 19.54 -18.61 20.94
CA MET B 70 20.24 -18.27 19.72
C MET B 70 19.34 -17.36 18.90
N GLY B 71 19.93 -16.41 18.19
CA GLY B 71 19.13 -15.51 17.39
C GLY B 71 19.13 -15.88 15.92
N THR B 72 18.31 -15.19 15.14
CA THR B 72 18.25 -15.41 13.70
C THR B 72 19.02 -14.23 13.17
N VAL B 73 19.93 -14.46 12.23
CA VAL B 73 20.73 -13.36 11.71
C VAL B 73 20.43 -12.97 10.28
N VAL B 74 20.58 -11.69 10.01
CA VAL B 74 20.34 -11.19 8.68
C VAL B 74 21.26 -10.02 8.33
N THR B 75 21.43 -9.80 7.04
CA THR B 75 22.25 -8.70 6.55
C THR B 75 21.51 -8.19 5.33
N TYR B 76 21.80 -6.96 4.94
CA TYR B 76 21.13 -6.40 3.78
C TYR B 76 22.04 -5.40 3.11
N LYS B 77 21.72 -5.08 1.87
CA LYS B 77 22.48 -4.12 1.09
C LYS B 77 21.53 -3.03 0.60
N TYR B 78 22.06 -1.81 0.46
CA TYR B 78 21.26 -0.68 -0.01
C TYR B 78 22.26 0.20 -0.76
N TYR B 79 22.12 0.24 -2.08
CA TYR B 79 23.05 0.99 -2.91
C TYR B 79 24.44 0.44 -2.54
N ASN B 80 25.44 1.28 -2.33
CA ASN B 80 26.78 0.78 -1.97
C ASN B 80 26.97 0.53 -0.48
N TYR B 81 25.89 0.20 0.22
CA TYR B 81 25.98 -0.05 1.64
C TYR B 81 25.71 -1.50 2.00
N THR B 82 26.43 -2.01 2.98
CA THR B 82 26.25 -3.38 3.43
C THR B 82 26.20 -3.38 4.95
N SER B 83 25.19 -4.04 5.52
CA SER B 83 25.04 -4.07 6.97
C SER B 83 25.95 -5.12 7.59
N ALA B 84 26.08 -5.04 8.91
CA ALA B 84 26.87 -6.00 9.64
C ALA B 84 25.92 -7.15 9.89
N PHE B 85 26.23 -8.00 10.85
CA PHE B 85 25.38 -9.12 11.17
C PHE B 85 24.37 -8.70 12.23
N ILE B 86 23.12 -8.62 11.82
CA ILE B 86 22.01 -8.22 12.67
C ILE B 86 21.34 -9.46 13.24
N HIS B 87 21.23 -9.52 14.57
CA HIS B 87 20.59 -10.65 15.22
C HIS B 87 19.25 -10.28 15.86
N HIS B 88 18.29 -11.19 15.73
CA HIS B 88 16.98 -10.98 16.30
C HIS B 88 16.59 -12.25 17.04
N CYS B 89 16.37 -12.14 18.34
CA CYS B 89 16.00 -13.30 19.12
C CYS B 89 14.65 -13.09 19.80
N THR B 90 13.72 -14.00 19.52
CA THR B 90 12.38 -13.92 20.10
C THR B 90 12.23 -14.91 21.25
N ILE B 91 12.20 -14.38 22.47
CA ILE B 91 12.06 -15.20 23.66
C ILE B 91 10.60 -15.12 24.13
N LYS B 92 9.97 -16.27 24.29
CA LYS B 92 8.58 -16.30 24.71
C LYS B 92 8.40 -16.91 26.09
N ASP B 93 7.15 -16.97 26.53
CA ASP B 93 6.80 -17.57 27.81
C ASP B 93 7.55 -17.10 29.06
N LEU B 94 7.96 -15.84 29.11
CA LEU B 94 8.63 -15.35 30.30
C LEU B 94 7.55 -15.23 31.37
N GLU B 95 7.92 -14.71 32.55
CA GLU B 95 6.97 -14.52 33.64
C GLU B 95 6.53 -13.05 33.65
N TYR B 96 5.27 -12.80 34.00
CA TYR B 96 4.77 -11.44 34.05
C TYR B 96 5.38 -10.66 35.21
N ASP B 97 5.46 -9.35 35.04
CA ASP B 97 5.96 -8.46 36.07
C ASP B 97 7.22 -8.94 36.80
N THR B 98 8.24 -9.35 36.04
CA THR B 98 9.47 -9.79 36.66
C THR B 98 10.65 -9.22 35.88
N LYS B 99 11.69 -8.83 36.60
CA LYS B 99 12.88 -8.24 35.99
C LYS B 99 13.76 -9.34 35.44
N TYR B 100 14.32 -9.10 34.26
CA TYR B 100 15.19 -10.07 33.61
C TYR B 100 16.50 -9.42 33.19
N TYR B 101 17.57 -10.19 33.31
CA TYR B 101 18.88 -9.71 32.91
C TYR B 101 19.29 -10.52 31.69
N TYR B 102 19.97 -9.89 30.75
CA TYR B 102 20.43 -10.60 29.57
C TYR B 102 21.76 -10.01 29.16
N ARG B 103 22.63 -10.84 28.58
CA ARG B 103 23.94 -10.33 28.16
C ARG B 103 24.35 -10.87 26.80
N LEU B 104 25.16 -10.07 26.10
CA LEU B 104 25.67 -10.41 24.78
C LEU B 104 27.18 -10.28 24.81
N GLY B 105 27.84 -10.95 23.87
CA GLY B 105 29.29 -10.88 23.78
C GLY B 105 30.07 -11.75 24.73
N PHE B 106 31.39 -11.72 24.61
CA PHE B 106 32.30 -12.48 25.46
C PHE B 106 33.59 -11.73 25.73
N GLY B 107 34.37 -12.23 26.69
CA GLY B 107 35.62 -11.58 27.01
C GLY B 107 35.36 -10.19 27.51
N ASP B 108 36.14 -9.22 27.03
CA ASP B 108 35.94 -7.85 27.46
C ASP B 108 35.04 -7.07 26.49
N ALA B 109 34.18 -7.80 25.80
CA ALA B 109 33.23 -7.20 24.87
C ALA B 109 31.83 -7.51 25.42
N LYS B 110 31.81 -8.34 26.46
CA LYS B 110 30.59 -8.75 27.14
C LYS B 110 29.79 -7.55 27.63
N ARG B 111 28.48 -7.57 27.39
CA ARG B 111 27.61 -6.49 27.82
C ARG B 111 26.32 -7.04 28.43
N GLN B 112 25.90 -6.43 29.55
CA GLN B 112 24.69 -6.87 30.24
C GLN B 112 23.64 -5.77 30.32
N PHE B 113 22.39 -6.17 30.09
CA PHE B 113 21.26 -5.26 30.13
C PHE B 113 20.14 -5.91 30.93
N TRP B 114 19.02 -5.21 31.06
CA TRP B 114 17.88 -5.75 31.77
C TRP B 114 16.59 -5.09 31.29
N PHE B 115 15.48 -5.73 31.62
CA PHE B 115 14.17 -5.21 31.26
C PHE B 115 13.16 -5.85 32.20
N VAL B 116 11.95 -5.33 32.21
CA VAL B 116 10.92 -5.83 33.10
C VAL B 116 9.66 -6.14 32.33
N THR B 117 9.29 -7.41 32.28
CA THR B 117 8.07 -7.78 31.58
C THR B 117 6.89 -7.09 32.25
N PRO B 118 5.84 -6.78 31.48
CA PRO B 118 4.67 -6.12 32.03
C PRO B 118 3.83 -7.07 32.87
N PRO B 119 2.92 -6.50 33.67
CA PRO B 119 2.06 -7.37 34.49
C PRO B 119 1.04 -8.04 33.60
N LYS B 120 0.46 -9.14 34.05
CA LYS B 120 -0.55 -9.84 33.29
C LYS B 120 -1.68 -8.87 32.88
N PRO B 121 -2.20 -9.01 31.65
CA PRO B 121 -3.27 -8.15 31.14
C PRO B 121 -4.52 -8.20 32.04
N GLY B 122 -4.97 -7.02 32.47
CA GLY B 122 -6.14 -6.94 33.32
C GLY B 122 -6.76 -5.56 33.24
N PRO B 123 -8.08 -5.46 33.49
CA PRO B 123 -8.81 -4.18 33.45
C PRO B 123 -8.27 -3.02 34.27
N ASP B 124 -7.81 -3.28 35.48
CA ASP B 124 -7.34 -2.18 36.31
C ASP B 124 -5.83 -2.15 36.52
N VAL B 125 -5.10 -2.86 35.68
CA VAL B 125 -3.65 -2.90 35.79
C VAL B 125 -3.01 -1.60 35.31
N PRO B 126 -2.42 -0.81 36.22
CA PRO B 126 -1.80 0.45 35.83
C PRO B 126 -0.51 0.27 35.01
N TYR B 127 -0.17 1.25 34.19
CA TYR B 127 1.03 1.20 33.37
C TYR B 127 1.34 2.59 32.83
N VAL B 128 2.63 2.92 32.71
CA VAL B 128 3.04 4.22 32.19
C VAL B 128 3.78 4.12 30.87
N PHE B 129 3.19 4.68 29.81
CA PHE B 129 3.80 4.65 28.46
C PHE B 129 4.45 5.97 28.11
N GLY B 130 5.63 5.88 27.51
CA GLY B 130 6.30 7.07 27.06
C GLY B 130 5.80 7.30 25.64
N LEU B 131 5.83 8.55 25.18
CA LEU B 131 5.37 8.89 23.85
C LEU B 131 6.42 9.72 23.11
N ILE B 132 6.90 9.18 21.98
CA ILE B 132 7.90 9.87 21.18
C ILE B 132 7.66 9.65 19.69
N GLY B 133 7.98 10.67 18.90
CA GLY B 133 7.82 10.57 17.46
C GLY B 133 8.75 11.48 16.69
N ASP B 134 9.22 10.99 15.54
CA ASP B 134 10.10 11.76 14.67
C ASP B 134 11.32 12.32 15.41
N ILE B 135 11.98 11.48 16.19
CA ILE B 135 13.13 11.94 16.96
C ILE B 135 14.40 12.23 16.16
N GLY B 136 14.81 11.32 15.28
CA GLY B 136 16.00 11.56 14.51
C GLY B 136 17.24 11.51 15.38
N GLN B 137 18.28 12.26 15.02
CA GLN B 137 19.51 12.27 15.79
C GLN B 137 20.23 13.61 15.85
N THR B 138 19.49 14.64 16.26
CA THR B 138 20.03 15.97 16.38
C THR B 138 20.31 16.21 17.85
N HIS B 139 20.79 17.40 18.19
CA HIS B 139 21.06 17.70 19.59
C HIS B 139 19.74 17.81 20.37
N ASP B 140 18.68 18.25 19.70
CA ASP B 140 17.37 18.35 20.34
C ASP B 140 16.91 16.92 20.63
N SER B 141 17.18 16.02 19.69
CA SER B 141 16.81 14.62 19.81
C SER B 141 17.38 14.05 21.09
N ASN B 142 18.61 14.44 21.40
CA ASN B 142 19.27 13.94 22.59
C ASN B 142 18.60 14.50 23.84
N THR B 143 18.22 15.77 23.78
CA THR B 143 17.55 16.43 24.91
C THR B 143 16.21 15.76 25.20
N THR B 144 15.43 15.55 24.14
CA THR B 144 14.12 14.91 24.24
C THR B 144 14.25 13.59 25.01
N LEU B 145 15.16 12.74 24.53
CA LEU B 145 15.38 11.44 25.15
C LEU B 145 15.84 11.59 26.60
N THR B 146 16.74 12.53 26.85
CA THR B 146 17.25 12.75 28.19
C THR B 146 16.07 13.08 29.10
N HIS B 147 15.23 14.00 28.64
CA HIS B 147 14.07 14.40 29.42
C HIS B 147 13.14 13.23 29.70
N TYR B 148 12.95 12.35 28.73
CA TYR B 148 12.07 11.22 28.97
C TYR B 148 12.63 10.36 30.08
N GLU B 149 13.94 10.14 30.04
CA GLU B 149 14.61 9.31 31.04
C GLU B 149 14.52 9.87 32.44
N GLN B 150 14.53 11.19 32.57
CA GLN B 150 14.45 11.82 33.88
C GLN B 150 13.03 12.12 34.33
N ASN B 151 12.07 11.98 33.43
CA ASN B 151 10.67 12.25 33.77
C ASN B 151 10.25 11.41 34.97
N SER B 152 9.86 12.09 36.04
CA SER B 152 9.48 11.42 37.27
C SER B 152 8.33 10.43 37.11
N ALA B 153 7.67 10.45 35.97
CA ALA B 153 6.55 9.54 35.70
C ALA B 153 7.04 8.10 35.45
N LYS B 154 8.33 7.97 35.15
CA LYS B 154 8.96 6.69 34.91
C LYS B 154 8.28 5.77 33.90
N GLY B 155 8.44 6.09 32.62
CA GLY B 155 7.86 5.28 31.57
C GLY B 155 8.50 3.90 31.47
N GLN B 156 7.68 2.88 31.25
CA GLN B 156 8.14 1.51 31.18
C GLN B 156 8.30 0.98 29.75
N ALA B 157 7.70 1.69 28.80
CA ALA B 157 7.76 1.31 27.41
C ALA B 157 7.47 2.56 26.59
N VAL B 158 8.06 2.63 25.40
CA VAL B 158 7.84 3.78 24.54
C VAL B 158 7.01 3.44 23.32
N LEU B 159 5.93 4.20 23.11
CA LEU B 159 5.08 4.03 21.94
C LEU B 159 5.71 5.02 20.97
N PHE B 160 6.26 4.51 19.86
CA PHE B 160 6.93 5.38 18.90
C PHE B 160 6.09 5.65 17.66
N MET B 161 5.89 6.93 17.36
CA MET B 161 5.02 7.30 16.26
C MET B 161 5.57 7.38 14.85
N GLY B 162 6.81 6.93 14.64
CA GLY B 162 7.36 6.93 13.30
C GLY B 162 8.47 7.92 13.01
N ASP B 163 9.21 7.65 11.95
CA ASP B 163 10.35 8.45 11.53
C ASP B 163 11.43 8.31 12.60
N LEU B 164 12.20 7.23 12.49
CA LEU B 164 13.26 6.93 13.45
C LEU B 164 14.56 7.69 13.34
N SER B 165 15.37 7.34 12.35
CA SER B 165 16.70 7.93 12.15
C SER B 165 16.87 9.13 11.22
N TYR B 166 15.97 9.33 10.27
CA TYR B 166 16.10 10.43 9.32
C TYR B 166 17.43 10.35 8.59
N SER B 167 17.95 9.15 8.44
CA SER B 167 19.21 8.98 7.73
C SER B 167 18.97 9.11 6.24
N ASN B 168 17.72 8.94 5.83
CA ASN B 168 17.38 9.07 4.41
C ASN B 168 17.61 10.52 3.99
N ARG B 169 17.90 11.40 4.95
CA ARG B 169 18.15 12.80 4.63
C ARG B 169 19.61 13.04 4.27
N TRP B 170 20.44 12.02 4.49
CA TRP B 170 21.84 12.14 4.15
C TRP B 170 22.07 11.69 2.71
N PRO B 171 23.25 12.00 2.15
CA PRO B 171 23.49 11.58 0.77
C PRO B 171 23.26 10.08 0.61
N ASN B 172 22.53 9.70 -0.44
CA ASN B 172 22.24 8.30 -0.69
C ASN B 172 21.56 7.62 0.50
N HIS B 173 20.83 8.39 1.30
CA HIS B 173 20.16 7.80 2.46
C HIS B 173 21.17 7.06 3.33
N ASP B 174 22.40 7.56 3.37
CA ASP B 174 23.50 6.96 4.13
C ASP B 174 23.04 6.05 5.29
N ASN B 175 23.04 4.74 5.07
CA ASN B 175 22.61 3.82 6.10
C ASN B 175 23.56 3.77 7.30
N ASN B 176 24.67 4.50 7.20
CA ASN B 176 25.60 4.54 8.32
C ASN B 176 24.92 5.35 9.42
N ARG B 177 23.98 6.21 9.03
CA ARG B 177 23.25 7.00 10.01
C ARG B 177 22.14 6.20 10.69
N TRP B 178 21.86 5.02 10.17
CA TRP B 178 20.88 4.15 10.81
C TRP B 178 21.65 3.51 11.97
N ASP B 179 22.91 3.17 11.71
CA ASP B 179 23.77 2.54 12.71
C ASP B 179 24.02 3.49 13.89
N THR B 180 24.27 4.76 13.58
CA THR B 180 24.51 5.74 14.62
C THR B 180 23.24 5.87 15.46
N TRP B 181 22.10 6.00 14.79
CA TRP B 181 20.85 6.11 15.51
C TRP B 181 20.65 4.91 16.43
N GLY B 182 21.10 3.74 15.97
CA GLY B 182 20.97 2.53 16.76
C GLY B 182 21.78 2.57 18.04
N ARG B 183 22.97 3.19 17.98
CA ARG B 183 23.82 3.31 19.16
C ARG B 183 23.27 4.38 20.09
N PHE B 184 22.80 5.47 19.51
CA PHE B 184 22.24 6.57 20.27
C PHE B 184 21.01 6.14 21.10
N SER B 185 20.02 5.56 20.43
CA SER B 185 18.81 5.14 21.10
C SER B 185 18.96 3.97 22.06
N GLU B 186 20.01 3.20 21.87
CA GLU B 186 20.25 2.03 22.70
C GLU B 186 20.13 2.22 24.20
N ARG B 187 20.60 3.34 24.72
CA ARG B 187 20.56 3.58 26.15
C ARG B 187 19.16 3.48 26.74
N SER B 188 18.15 3.55 25.88
CA SER B 188 16.77 3.43 26.31
C SER B 188 16.13 2.12 25.83
N VAL B 189 16.12 1.89 24.52
CA VAL B 189 15.49 0.71 23.92
C VAL B 189 16.09 -0.61 24.33
N ALA B 190 17.29 -0.56 24.91
CA ALA B 190 17.96 -1.76 25.36
C ALA B 190 17.36 -2.19 26.70
N TYR B 191 16.69 -1.26 27.37
CA TYR B 191 16.11 -1.53 28.69
C TYR B 191 14.59 -1.60 28.74
N GLN B 192 13.92 -0.88 27.85
CA GLN B 192 12.47 -0.92 27.79
C GLN B 192 12.08 -0.99 26.33
N PRO B 193 11.09 -1.82 25.99
CA PRO B 193 10.70 -1.92 24.59
C PRO B 193 10.10 -0.67 23.97
N TRP B 194 10.42 -0.45 22.70
CA TRP B 194 9.85 0.66 21.95
C TRP B 194 8.94 -0.05 20.96
N ILE B 195 7.69 0.39 20.90
CA ILE B 195 6.70 -0.21 20.00
C ILE B 195 6.70 0.62 18.75
N TRP B 196 7.25 0.04 17.69
CA TRP B 196 7.42 0.73 16.42
C TRP B 196 6.21 0.97 15.54
N THR B 197 6.22 2.14 14.91
CA THR B 197 5.22 2.57 13.95
C THR B 197 6.07 3.05 12.78
N ALA B 198 5.74 2.62 11.57
CA ALA B 198 6.53 3.02 10.40
C ALA B 198 6.10 4.36 9.80
N GLY B 199 7.06 5.26 9.68
CA GLY B 199 6.79 6.58 9.09
C GLY B 199 7.38 6.71 7.68
N ASN B 200 7.03 7.78 6.97
CA ASN B 200 7.54 7.97 5.61
C ASN B 200 9.09 8.01 5.54
N HIS B 201 9.76 8.25 6.67
CA HIS B 201 11.21 8.26 6.63
C HIS B 201 11.77 6.86 6.72
N GLU B 202 10.88 5.87 6.83
CA GLU B 202 11.31 4.49 6.86
C GLU B 202 11.05 3.89 5.49
N ILE B 203 10.43 4.68 4.60
CA ILE B 203 10.15 4.18 3.27
C ILE B 203 11.42 3.92 2.46
N ASP B 204 12.40 4.83 2.58
CA ASP B 204 13.67 4.68 1.88
C ASP B 204 13.54 4.27 0.41
N TYR B 205 12.70 5.00 -0.31
CA TYR B 205 12.47 4.77 -1.72
C TYR B 205 13.42 5.68 -2.47
N ALA B 206 14.33 5.09 -3.25
CA ALA B 206 15.29 5.89 -3.99
C ALA B 206 15.60 5.32 -5.36
N PRO B 207 14.74 5.62 -6.35
CA PRO B 207 14.92 5.14 -7.74
C PRO B 207 16.24 5.65 -8.29
N ASP B 208 16.57 6.88 -7.97
CA ASP B 208 17.79 7.52 -8.41
C ASP B 208 19.03 6.65 -8.14
N ILE B 209 19.00 5.87 -7.06
CA ILE B 209 20.13 4.99 -6.77
C ILE B 209 19.71 3.53 -6.85
N GLY B 210 18.67 3.29 -7.64
CA GLY B 210 18.15 1.95 -7.86
C GLY B 210 17.52 1.21 -6.72
N GLU B 211 16.89 1.91 -5.78
CA GLU B 211 16.22 1.24 -4.65
C GLU B 211 14.72 1.53 -4.75
N TYR B 212 13.98 0.62 -5.40
CA TYR B 212 12.55 0.77 -5.61
C TYR B 212 11.65 0.10 -4.57
N GLN B 213 12.17 -0.91 -3.85
CA GLN B 213 11.38 -1.59 -2.85
C GLN B 213 11.58 -0.90 -1.49
N PRO B 214 10.49 -0.39 -0.90
CA PRO B 214 10.53 0.31 0.39
C PRO B 214 10.71 -0.49 1.67
N PHE B 215 11.06 0.24 2.73
CA PHE B 215 11.24 -0.30 4.07
C PHE B 215 12.34 -1.34 4.24
N VAL B 216 13.29 -1.38 3.31
CA VAL B 216 14.33 -2.40 3.41
C VAL B 216 15.18 -2.25 4.66
N PRO B 217 15.76 -1.06 4.91
CA PRO B 217 16.59 -0.88 6.10
C PRO B 217 15.78 -1.04 7.41
N PHE B 218 14.66 -0.32 7.52
CA PHE B 218 13.83 -0.40 8.72
C PHE B 218 13.35 -1.82 9.02
N THR B 219 12.83 -2.48 8.00
CA THR B 219 12.32 -3.83 8.16
C THR B 219 13.39 -4.83 8.60
N ASN B 220 14.64 -4.60 8.19
CA ASN B 220 15.71 -5.51 8.56
C ASN B 220 16.26 -5.23 9.96
N ARG B 221 16.23 -3.97 10.37
CA ARG B 221 16.74 -3.58 11.68
C ARG B 221 15.74 -3.69 12.83
N TYR B 222 14.47 -3.35 12.55
CA TYR B 222 13.46 -3.38 13.60
C TYR B 222 12.30 -4.32 13.40
N PRO B 223 12.48 -5.58 13.83
CA PRO B 223 11.41 -6.55 13.69
C PRO B 223 10.20 -6.17 14.54
N THR B 224 9.07 -6.76 14.21
CA THR B 224 7.83 -6.47 14.90
C THR B 224 7.11 -7.78 15.26
N PRO B 225 6.29 -7.77 16.32
CA PRO B 225 5.59 -9.01 16.69
C PRO B 225 4.29 -9.15 15.91
N HIS B 226 4.34 -9.00 14.60
CA HIS B 226 3.13 -9.08 13.81
C HIS B 226 2.48 -10.45 13.70
N GLU B 227 3.25 -11.51 13.54
CA GLU B 227 2.69 -12.85 13.42
C GLU B 227 1.83 -13.24 14.63
N ALA B 228 2.31 -12.94 15.83
CA ALA B 228 1.57 -13.26 17.04
C ALA B 228 0.27 -12.48 17.10
N SER B 229 0.16 -11.46 16.25
CA SER B 229 -1.00 -10.61 16.19
C SER B 229 -1.96 -11.04 15.08
N GLY B 230 -1.46 -11.89 14.17
CA GLY B 230 -2.21 -12.43 13.03
C GLY B 230 -1.94 -11.68 11.73
N SER B 231 -0.93 -10.84 11.75
CA SER B 231 -0.56 -10.05 10.59
C SER B 231 0.64 -10.65 9.86
N GLY B 232 0.56 -10.65 8.53
CA GLY B 232 1.65 -11.19 7.74
C GLY B 232 2.62 -10.11 7.29
N ASP B 233 2.52 -8.93 7.90
CA ASP B 233 3.40 -7.83 7.54
C ASP B 233 3.85 -7.09 8.79
N PRO B 234 5.14 -6.74 8.87
CA PRO B 234 5.63 -6.03 10.06
C PRO B 234 5.14 -4.59 10.24
N LEU B 235 4.61 -3.95 9.19
CA LEU B 235 4.16 -2.56 9.32
C LEU B 235 2.84 -2.37 10.05
N TRP B 236 2.07 -3.45 10.19
CA TRP B 236 0.82 -3.35 10.93
C TRP B 236 0.65 -4.56 11.83
N TYR B 237 0.30 -4.30 13.09
CA TYR B 237 0.12 -5.37 14.07
C TYR B 237 -0.50 -4.81 15.35
N ALA B 238 -0.74 -5.71 16.30
CA ALA B 238 -1.33 -5.34 17.57
C ALA B 238 -0.74 -6.16 18.72
N ILE B 239 -0.69 -5.53 19.90
CA ILE B 239 -0.20 -6.20 21.10
C ILE B 239 -1.08 -5.80 22.28
N LYS B 240 -1.01 -6.59 23.33
CA LYS B 240 -1.74 -6.31 24.54
C LYS B 240 -0.66 -6.12 25.58
N ARG B 241 -0.77 -5.06 26.36
CA ARG B 241 0.21 -4.83 27.41
C ARG B 241 -0.55 -4.21 28.57
N ALA B 242 -0.48 -4.88 29.72
CA ALA B 242 -1.17 -4.42 30.92
C ALA B 242 -2.66 -4.32 30.63
N SER B 243 -3.23 -3.13 30.81
CA SER B 243 -4.64 -2.93 30.57
C SER B 243 -4.94 -2.37 29.18
N ALA B 244 -3.92 -2.24 28.34
CA ALA B 244 -4.11 -1.69 27.00
C ALA B 244 -4.01 -2.66 25.82
N HIS B 245 -4.80 -2.37 24.79
CA HIS B 245 -4.78 -3.15 23.56
C HIS B 245 -4.33 -2.11 22.54
N ILE B 246 -3.13 -2.29 22.02
CA ILE B 246 -2.54 -1.35 21.07
C ILE B 246 -2.51 -1.86 19.64
N ILE B 247 -3.09 -1.07 18.75
CA ILE B 247 -3.13 -1.39 17.33
C ILE B 247 -2.23 -0.38 16.61
N VAL B 248 -1.23 -0.90 15.91
CA VAL B 248 -0.28 -0.08 15.16
C VAL B 248 -0.65 -0.21 13.67
N LEU B 249 -0.96 0.91 13.04
CA LEU B 249 -1.33 0.93 11.62
C LEU B 249 -0.23 1.52 10.74
N SER B 250 -0.28 1.21 9.45
CA SER B 250 0.71 1.68 8.49
C SER B 250 0.15 2.66 7.46
N SER B 251 0.53 3.93 7.64
CA SER B 251 0.10 5.04 6.79
C SER B 251 0.49 4.91 5.33
N TYR B 252 1.65 4.34 5.05
CA TYR B 252 2.11 4.26 3.68
C TYR B 252 1.94 2.90 3.02
N SER B 253 1.10 2.07 3.62
CA SER B 253 0.80 0.77 3.04
C SER B 253 -0.65 0.88 2.57
N GLY B 254 -1.09 -0.03 1.71
CA GLY B 254 -2.47 0.03 1.25
C GLY B 254 -3.40 -0.13 2.45
N PHE B 255 -4.50 0.60 2.50
CA PHE B 255 -5.40 0.48 3.64
C PHE B 255 -6.89 0.58 3.34
N VAL B 256 -7.26 0.61 2.05
CA VAL B 256 -8.66 0.68 1.68
C VAL B 256 -9.33 -0.67 1.88
N LYS B 257 -10.65 -0.70 1.82
CA LYS B 257 -11.39 -1.94 1.99
C LYS B 257 -10.84 -3.02 1.04
N TYR B 258 -10.75 -4.25 1.56
CA TYR B 258 -10.25 -5.43 0.84
C TYR B 258 -8.72 -5.58 0.86
N SER B 259 -8.01 -4.55 1.30
CA SER B 259 -6.56 -4.65 1.36
C SER B 259 -6.16 -5.50 2.56
N PRO B 260 -5.00 -6.15 2.49
CA PRO B 260 -4.55 -7.00 3.59
C PRO B 260 -4.61 -6.28 4.95
N GLN B 261 -4.08 -5.06 5.00
CA GLN B 261 -4.09 -4.31 6.25
C GLN B 261 -5.48 -4.03 6.75
N TYR B 262 -6.36 -3.66 5.83
CA TYR B 262 -7.73 -3.36 6.20
C TYR B 262 -8.39 -4.61 6.76
N LYS B 263 -8.23 -5.74 6.09
CA LYS B 263 -8.83 -6.97 6.59
C LYS B 263 -8.26 -7.31 7.95
N TRP B 264 -6.95 -7.17 8.10
CA TRP B 264 -6.33 -7.48 9.37
C TRP B 264 -6.88 -6.55 10.46
N PHE B 265 -6.92 -5.26 10.16
CA PHE B 265 -7.42 -4.27 11.11
C PHE B 265 -8.85 -4.54 11.58
N THR B 266 -9.76 -4.78 10.65
CA THR B 266 -11.13 -5.03 11.06
C THR B 266 -11.25 -6.29 11.91
N SER B 267 -10.55 -7.35 11.54
CA SER B 267 -10.59 -8.57 12.35
C SER B 267 -10.07 -8.28 13.76
N GLU B 268 -8.98 -7.52 13.82
CA GLU B 268 -8.35 -7.15 15.08
C GLU B 268 -9.31 -6.36 15.97
N LEU B 269 -10.14 -5.51 15.37
CA LEU B 269 -11.07 -4.75 16.19
C LEU B 269 -12.01 -5.69 16.92
N GLU B 270 -12.43 -6.75 16.25
CA GLU B 270 -13.34 -7.70 16.86
C GLU B 270 -12.69 -8.56 17.94
N LYS B 271 -11.35 -8.62 17.95
CA LYS B 271 -10.64 -9.42 18.95
C LYS B 271 -10.49 -8.62 20.26
N VAL B 272 -10.68 -7.31 20.18
CA VAL B 272 -10.55 -6.45 21.34
C VAL B 272 -11.56 -6.79 22.43
N ASN B 273 -11.09 -6.80 23.68
CA ASN B 273 -11.93 -7.08 24.84
C ASN B 273 -11.64 -5.99 25.87
N ARG B 274 -12.58 -5.07 26.02
CA ARG B 274 -12.42 -3.95 26.94
C ARG B 274 -12.54 -4.37 28.39
N SER B 275 -13.01 -5.59 28.64
CA SER B 275 -13.12 -6.10 29.99
C SER B 275 -11.77 -6.62 30.46
N GLU B 276 -10.88 -6.91 29.51
CA GLU B 276 -9.55 -7.41 29.81
C GLU B 276 -8.58 -6.23 29.67
N THR B 277 -8.72 -5.51 28.57
CA THR B 277 -7.86 -4.35 28.32
C THR B 277 -8.73 -3.16 27.96
N PRO B 278 -9.08 -2.34 28.96
CA PRO B 278 -9.91 -1.15 28.85
C PRO B 278 -9.41 -0.12 27.85
N TRP B 279 -8.10 0.13 27.86
CA TRP B 279 -7.54 1.14 27.00
C TRP B 279 -7.19 0.74 25.59
N LEU B 280 -8.02 1.19 24.64
CA LEU B 280 -7.81 0.90 23.23
C LEU B 280 -7.02 2.04 22.64
N ILE B 281 -5.77 1.78 22.26
CA ILE B 281 -4.87 2.78 21.71
C ILE B 281 -4.49 2.50 20.25
N VAL B 282 -4.43 3.55 19.43
CA VAL B 282 -4.05 3.38 18.04
C VAL B 282 -2.84 4.22 17.69
N LEU B 283 -1.95 3.64 16.90
CA LEU B 283 -0.77 4.36 16.45
C LEU B 283 -0.72 4.41 14.92
N VAL B 284 -0.53 5.61 14.38
CA VAL B 284 -0.37 5.82 12.94
C VAL B 284 0.52 7.03 12.82
N HIS B 285 1.36 7.06 11.79
CA HIS B 285 2.29 8.15 11.62
C HIS B 285 1.65 9.49 11.23
N ALA B 286 0.82 9.44 10.18
CA ALA B 286 0.15 10.63 9.66
C ALA B 286 -1.17 10.85 10.41
N PRO B 287 -1.29 12.01 11.07
CA PRO B 287 -2.49 12.36 11.83
C PRO B 287 -3.73 12.57 10.99
N LEU B 288 -4.85 12.05 11.47
CA LEU B 288 -6.13 12.20 10.78
C LEU B 288 -6.65 13.59 11.07
N TYR B 289 -6.17 14.17 12.17
CA TYR B 289 -6.54 15.54 12.55
C TYR B 289 -5.24 16.30 12.80
N ASN B 290 -5.06 17.38 12.05
CA ASN B 290 -3.87 18.20 12.13
C ASN B 290 -4.24 19.57 11.60
N SER B 291 -4.00 20.62 12.39
CA SER B 291 -4.35 21.95 11.90
C SER B 291 -3.11 22.77 11.61
N TYR B 292 -1.97 22.10 11.48
CA TYR B 292 -0.73 22.80 11.14
C TYR B 292 -0.67 22.91 9.64
N GLU B 293 0.08 23.87 9.15
CA GLU B 293 0.23 24.07 7.71
C GLU B 293 0.88 22.81 7.13
N ALA B 294 2.00 22.42 7.72
CA ALA B 294 2.74 21.24 7.29
C ALA B 294 1.86 20.00 7.20
N HIS B 295 1.95 19.30 6.08
CA HIS B 295 1.19 18.05 5.87
C HIS B 295 -0.31 18.17 6.07
N TYR B 296 -0.82 19.39 6.04
CA TYR B 296 -2.24 19.62 6.20
C TYR B 296 -3.07 18.68 5.33
N MET B 297 -4.05 18.02 5.93
CA MET B 297 -4.95 17.10 5.24
C MET B 297 -4.33 15.86 4.61
N GLU B 298 -3.04 15.62 4.86
CA GLU B 298 -2.40 14.43 4.27
C GLU B 298 -3.06 13.15 4.80
N GLY B 299 -3.65 13.25 5.98
CA GLY B 299 -4.30 12.09 6.57
C GLY B 299 -5.77 11.92 6.18
N GLU B 300 -6.26 12.75 5.27
CA GLU B 300 -7.66 12.65 4.88
C GLU B 300 -8.04 11.29 4.28
N ALA B 301 -7.16 10.73 3.46
CA ALA B 301 -7.46 9.44 2.84
C ALA B 301 -7.72 8.37 3.91
N MET B 302 -6.81 8.24 4.87
CA MET B 302 -7.01 7.24 5.90
C MET B 302 -8.20 7.57 6.80
N ARG B 303 -8.45 8.85 7.05
CA ARG B 303 -9.58 9.21 7.90
C ARG B 303 -10.88 8.72 7.28
N ALA B 304 -10.99 8.85 5.96
CA ALA B 304 -12.17 8.42 5.25
C ALA B 304 -12.50 6.96 5.49
N ILE B 305 -11.49 6.10 5.48
CA ILE B 305 -11.74 4.68 5.66
C ILE B 305 -11.74 4.23 7.12
N PHE B 306 -10.77 4.71 7.90
CA PHE B 306 -10.64 4.31 9.29
C PHE B 306 -11.40 5.08 10.39
N GLU B 307 -11.60 6.39 10.22
CA GLU B 307 -12.30 7.13 11.26
C GLU B 307 -13.62 6.46 11.67
N PRO B 308 -14.43 6.03 10.70
CA PRO B 308 -15.70 5.38 11.07
C PRO B 308 -15.51 4.25 12.11
N TYR B 309 -14.44 3.49 11.97
CA TYR B 309 -14.19 2.40 12.90
C TYR B 309 -13.67 2.90 14.26
N PHE B 310 -12.77 3.87 14.22
CA PHE B 310 -12.22 4.43 15.45
C PHE B 310 -13.38 4.84 16.36
N VAL B 311 -14.41 5.42 15.75
CA VAL B 311 -15.56 5.88 16.49
C VAL B 311 -16.50 4.75 16.91
N TYR B 312 -16.74 3.79 16.02
CA TYR B 312 -17.65 2.70 16.35
C TYR B 312 -17.17 1.81 17.48
N TYR B 313 -15.87 1.54 17.53
CA TYR B 313 -15.29 0.68 18.57
C TYR B 313 -14.76 1.54 19.72
N LYS B 314 -14.97 2.84 19.61
CA LYS B 314 -14.57 3.78 20.63
C LYS B 314 -13.11 3.82 21.05
N VAL B 315 -12.20 3.95 20.10
CA VAL B 315 -10.79 4.05 20.43
C VAL B 315 -10.70 5.19 21.46
N ASP B 316 -9.90 4.99 22.50
CA ASP B 316 -9.75 6.01 23.54
C ASP B 316 -8.89 7.17 23.09
N ILE B 317 -7.78 6.84 22.45
CA ILE B 317 -6.85 7.85 22.00
C ILE B 317 -6.02 7.35 20.81
N VAL B 318 -5.65 8.29 19.95
CA VAL B 318 -4.85 8.00 18.77
C VAL B 318 -3.60 8.87 18.78
N PHE B 319 -2.44 8.24 18.69
CA PHE B 319 -1.16 8.93 18.70
C PHE B 319 -0.53 8.92 17.30
N SER B 320 -0.05 10.08 16.86
CA SER B 320 0.59 10.20 15.55
C SER B 320 1.81 11.11 15.66
N GLY B 321 2.58 11.18 14.59
CA GLY B 321 3.75 12.06 14.54
C GLY B 321 3.65 12.85 13.24
N HIS B 322 4.70 12.73 12.41
CA HIS B 322 4.75 13.38 11.11
C HIS B 322 4.85 14.90 11.12
N VAL B 323 3.97 15.56 11.89
CA VAL B 323 4.02 17.02 12.00
C VAL B 323 4.96 17.33 13.15
N HIS B 324 6.03 18.06 12.84
CA HIS B 324 7.05 18.37 13.84
C HIS B 324 6.65 19.43 14.84
N SER B 325 5.69 19.07 15.69
CA SER B 325 5.19 19.95 16.73
C SER B 325 4.15 19.17 17.50
N TYR B 326 3.47 19.84 18.43
CA TYR B 326 2.48 19.18 19.24
C TYR B 326 1.06 19.70 19.04
N GLU B 327 0.10 18.79 19.19
CA GLU B 327 -1.30 19.14 19.06
C GLU B 327 -2.18 18.06 19.65
N ARG B 328 -3.27 18.51 20.26
CA ARG B 328 -4.24 17.64 20.91
C ARG B 328 -5.64 18.11 20.52
N SER B 329 -6.46 17.18 20.06
CA SER B 329 -7.81 17.52 19.63
C SER B 329 -8.86 17.30 20.70
N GLU B 330 -10.08 17.70 20.39
CA GLU B 330 -11.22 17.51 21.27
C GLU B 330 -11.77 16.19 20.75
N ARG B 331 -12.63 15.52 21.50
CA ARG B 331 -13.20 14.28 21.00
C ARG B 331 -14.21 14.65 19.92
N VAL B 332 -13.80 14.50 18.66
CA VAL B 332 -14.67 14.87 17.54
C VAL B 332 -14.71 13.79 16.44
N SER B 333 -15.65 13.91 15.51
CA SER B 333 -15.77 12.96 14.41
C SER B 333 -16.34 13.65 13.18
N ASN B 334 -16.08 13.06 12.01
CA ASN B 334 -16.58 13.59 10.74
C ASN B 334 -16.93 12.36 9.91
N VAL B 335 -17.84 11.55 10.42
CA VAL B 335 -18.22 10.32 9.74
C VAL B 335 -19.65 10.29 9.21
N ALA B 336 -20.27 11.45 9.07
CA ALA B 336 -21.64 11.49 8.60
C ALA B 336 -21.79 11.68 7.09
N TYR B 337 -20.70 12.08 6.44
CA TYR B 337 -20.70 12.35 5.00
C TYR B 337 -21.06 11.20 4.10
N ASN B 338 -21.85 11.49 3.06
CA ASN B 338 -22.24 10.49 2.07
C ASN B 338 -22.33 11.18 0.70
N ILE B 339 -21.62 12.30 0.57
CA ILE B 339 -21.60 13.12 -0.64
C ILE B 339 -22.84 14.01 -0.74
N VAL B 340 -23.99 13.38 -0.96
CA VAL B 340 -25.25 14.08 -1.13
C VAL B 340 -25.72 14.95 0.05
N ASN B 341 -25.52 14.48 1.28
CA ASN B 341 -25.95 15.26 2.44
C ASN B 341 -25.02 16.44 2.73
N ALA B 342 -23.86 16.47 2.10
CA ALA B 342 -22.90 17.54 2.31
C ALA B 342 -22.48 17.71 3.77
N LYS B 343 -22.70 16.68 4.59
CA LYS B 343 -22.32 16.79 6.00
C LYS B 343 -20.84 16.47 6.14
N CYS B 344 -20.02 17.53 6.09
CA CYS B 344 -18.58 17.35 6.17
C CYS B 344 -17.88 18.22 7.22
N THR B 345 -18.57 18.47 8.33
CA THR B 345 -18.00 19.29 9.40
C THR B 345 -17.74 18.47 10.65
N PRO B 346 -16.51 18.50 11.17
CA PRO B 346 -16.24 17.71 12.38
C PRO B 346 -17.11 18.24 13.52
N VAL B 347 -17.77 17.33 14.22
CA VAL B 347 -18.65 17.70 15.32
C VAL B 347 -18.28 16.99 16.61
N SER B 348 -18.54 17.65 17.73
CA SER B 348 -18.27 17.09 19.05
C SER B 348 -18.86 15.68 19.09
N ASP B 349 -18.07 14.71 19.54
CA ASP B 349 -18.52 13.32 19.60
C ASP B 349 -17.82 12.56 20.73
N GLU B 350 -18.56 12.29 21.80
CA GLU B 350 -18.02 11.58 22.97
C GLU B 350 -17.71 10.11 22.68
N SER B 351 -18.02 9.65 21.49
CA SER B 351 -17.73 8.28 21.14
C SER B 351 -16.41 8.22 20.36
N ALA B 352 -15.85 9.40 20.09
CA ALA B 352 -14.60 9.49 19.35
C ALA B 352 -13.40 9.64 20.27
N PRO B 353 -12.23 9.21 19.79
CA PRO B 353 -11.00 9.31 20.59
C PRO B 353 -10.43 10.72 20.57
N VAL B 354 -9.40 10.92 21.38
CA VAL B 354 -8.70 12.19 21.41
C VAL B 354 -7.56 11.95 20.44
N TYR B 355 -7.30 12.92 19.56
CA TYR B 355 -6.20 12.76 18.61
C TYR B 355 -4.96 13.53 19.03
N ILE B 356 -3.84 12.83 19.11
CA ILE B 356 -2.58 13.42 19.51
C ILE B 356 -1.50 13.43 18.43
N THR B 357 -0.83 14.58 18.30
CA THR B 357 0.25 14.76 17.36
C THR B 357 1.49 15.06 18.19
N ILE B 358 2.46 14.14 18.19
CA ILE B 358 3.69 14.31 18.95
C ILE B 358 4.89 13.97 18.11
N GLY B 359 4.96 14.56 16.92
CA GLY B 359 6.10 14.31 16.05
C GLY B 359 7.18 15.35 16.30
N ASP B 360 7.35 15.74 17.56
CA ASP B 360 8.31 16.78 17.91
C ASP B 360 9.54 16.28 18.67
N GLY B 361 9.99 15.08 18.33
CA GLY B 361 11.16 14.50 18.99
C GLY B 361 12.45 15.27 18.75
N GLY B 362 12.48 16.10 17.70
CA GLY B 362 13.66 16.89 17.43
C GLY B 362 14.50 16.59 16.20
N ASN B 363 13.98 15.86 15.21
CA ASN B 363 14.77 15.54 14.02
C ASN B 363 15.30 16.80 13.32
N SER B 364 16.30 16.60 12.47
CA SER B 364 16.98 17.68 11.73
C SER B 364 16.12 18.66 10.93
N GLU B 365 14.96 18.23 10.44
CA GLU B 365 14.10 19.11 9.65
C GLU B 365 13.58 20.29 10.47
N GLY B 366 13.60 20.15 11.79
CA GLY B 366 13.14 21.24 12.62
C GLY B 366 11.67 21.29 12.98
N LEU B 367 11.28 22.41 13.56
CA LEU B 367 9.90 22.64 13.99
C LEU B 367 8.95 23.09 12.89
N ALA B 368 7.72 22.61 13.00
CA ALA B 368 6.65 22.95 12.07
C ALA B 368 5.89 24.06 12.77
N SER B 369 6.32 25.29 12.54
CA SER B 369 5.73 26.47 13.18
C SER B 369 4.41 27.04 12.65
N GLU B 370 4.28 27.21 11.34
CA GLU B 370 3.07 27.80 10.81
C GLU B 370 1.83 26.93 11.01
N MET B 371 0.77 27.53 11.54
CA MET B 371 -0.47 26.80 11.79
C MET B 371 -1.60 27.43 10.99
N THR B 372 -2.64 26.64 10.70
CA THR B 372 -3.78 27.17 9.97
C THR B 372 -4.41 28.16 10.93
N GLN B 373 -5.18 29.10 10.42
CA GLN B 373 -5.78 30.11 11.28
C GLN B 373 -7.24 30.36 10.93
N PRO B 374 -8.07 30.65 11.94
CA PRO B 374 -7.67 30.70 13.34
C PRO B 374 -7.69 29.24 13.83
N GLN B 375 -7.49 28.99 15.12
CA GLN B 375 -7.49 27.61 15.59
C GLN B 375 -8.86 26.95 15.42
N PRO B 376 -8.92 25.85 14.66
CA PRO B 376 -10.22 25.20 14.47
C PRO B 376 -10.78 24.67 15.79
N SER B 377 -12.09 24.70 15.94
CA SER B 377 -12.69 24.26 17.18
C SER B 377 -12.37 22.80 17.54
N TYR B 378 -12.03 21.98 16.55
CA TYR B 378 -11.70 20.60 16.88
C TYR B 378 -10.33 20.45 17.55
N SER B 379 -9.55 21.52 17.53
CA SER B 379 -8.22 21.51 18.14
C SER B 379 -8.26 22.13 19.52
N ALA B 380 -7.79 21.40 20.53
CA ALA B 380 -7.78 21.91 21.90
C ALA B 380 -6.49 22.59 22.33
N PHE B 381 -5.37 22.14 21.79
CA PHE B 381 -4.07 22.69 22.15
C PHE B 381 -3.07 22.40 21.05
N ARG B 382 -2.30 23.42 20.67
CA ARG B 382 -1.30 23.26 19.63
C ARG B 382 -0.10 24.16 19.90
N GLU B 383 1.07 23.56 19.98
CA GLU B 383 2.29 24.34 20.18
C GLU B 383 3.45 23.69 19.48
N ALA B 384 4.29 24.51 18.86
CA ALA B 384 5.47 24.03 18.17
C ALA B 384 6.68 24.09 19.12
N SER B 385 6.95 22.97 19.78
CA SER B 385 8.08 22.86 20.69
C SER B 385 8.50 21.39 20.79
N PHE B 386 9.80 21.16 20.91
CA PHE B 386 10.30 19.80 21.00
C PHE B 386 9.87 19.20 22.32
N GLY B 387 9.72 17.88 22.37
CA GLY B 387 9.32 17.24 23.60
C GLY B 387 8.88 15.81 23.45
N HIS B 388 8.35 15.26 24.54
CA HIS B 388 7.86 13.90 24.57
C HIS B 388 6.56 13.87 25.37
N GLY B 389 5.85 12.76 25.33
CA GLY B 389 4.60 12.69 26.07
C GLY B 389 4.52 11.47 26.94
N ILE B 390 3.56 11.49 27.86
CA ILE B 390 3.34 10.38 28.77
C ILE B 390 1.87 10.02 28.79
N PHE B 391 1.57 8.73 28.77
CA PHE B 391 0.20 8.27 28.87
C PHE B 391 0.26 7.39 30.12
N ASP B 392 -0.28 7.92 31.21
CA ASP B 392 -0.26 7.24 32.49
C ASP B 392 -1.59 6.56 32.86
N ILE B 393 -1.68 5.26 32.66
CA ILE B 393 -2.90 4.54 32.99
C ILE B 393 -2.97 4.20 34.48
N LYS B 394 -4.00 4.68 35.15
CA LYS B 394 -4.20 4.42 36.57
C LYS B 394 -5.13 3.24 36.80
N ASN B 395 -6.23 3.19 36.06
CA ASN B 395 -7.20 2.11 36.20
C ASN B 395 -8.11 2.05 34.98
N ARG B 396 -9.12 1.19 35.02
CA ARG B 396 -10.03 1.04 33.89
C ARG B 396 -10.80 2.30 33.50
N THR B 397 -10.83 3.30 34.37
CA THR B 397 -11.58 4.51 34.02
C THR B 397 -10.73 5.74 33.82
N HIS B 398 -9.57 5.78 34.47
CA HIS B 398 -8.71 6.95 34.36
C HIS B 398 -7.34 6.69 33.78
N ALA B 399 -6.89 7.65 32.99
CA ALA B 399 -5.59 7.62 32.36
C ALA B 399 -5.20 9.08 32.22
N HIS B 400 -3.96 9.40 32.54
CA HIS B 400 -3.51 10.78 32.46
C HIS B 400 -2.47 11.01 31.36
N PHE B 401 -2.80 11.89 30.42
CA PHE B 401 -1.87 12.20 29.35
C PHE B 401 -1.22 13.54 29.66
N SER B 402 0.04 13.72 29.26
CA SER B 402 0.75 14.97 29.47
C SER B 402 1.86 15.16 28.46
N TRP B 403 2.11 16.42 28.12
CA TRP B 403 3.13 16.78 27.15
C TRP B 403 4.29 17.48 27.89
N HIS B 404 5.52 17.09 27.57
CA HIS B 404 6.70 17.65 28.22
C HIS B 404 7.64 18.31 27.21
N ARG B 405 7.81 19.63 27.35
CA ARG B 405 8.66 20.41 26.47
C ARG B 405 10.11 20.40 26.92
N ASN B 406 11.04 20.45 25.97
CA ASN B 406 12.47 20.44 26.31
C ASN B 406 12.93 21.69 27.02
N GLN B 407 12.21 22.81 26.88
CA GLN B 407 12.58 24.04 27.57
C GLN B 407 12.29 23.90 29.06
N ASP B 408 11.29 23.08 29.39
CA ASP B 408 10.89 22.85 30.77
C ASP B 408 11.59 21.68 31.43
N GLY B 409 11.32 21.51 32.72
CA GLY B 409 11.91 20.41 33.46
C GLY B 409 11.34 19.11 32.98
N ALA B 410 12.16 18.07 32.96
CA ALA B 410 11.73 16.75 32.52
C ALA B 410 10.32 16.40 33.01
N SER B 411 10.00 16.85 34.22
CA SER B 411 8.70 16.54 34.82
C SER B 411 7.60 17.58 34.64
N VAL B 412 7.95 18.76 34.13
CA VAL B 412 6.95 19.81 33.93
C VAL B 412 6.00 19.47 32.79
N GLU B 413 4.70 19.63 33.05
CA GLU B 413 3.68 19.36 32.05
C GLU B 413 3.10 20.65 31.45
N ALA B 414 3.43 20.94 30.19
CA ALA B 414 2.93 22.14 29.52
C ALA B 414 1.48 21.94 29.07
N ASP B 415 1.05 20.70 29.03
CA ASP B 415 -0.33 20.39 28.66
C ASP B 415 -0.62 19.01 29.21
N SER B 416 -1.89 18.75 29.47
CA SER B 416 -2.27 17.45 30.00
C SER B 416 -3.75 17.24 29.92
N LEU B 417 -4.18 16.01 30.11
CA LEU B 417 -5.57 15.69 30.04
C LEU B 417 -5.86 14.41 30.78
N TRP B 418 -6.88 14.44 31.62
CA TRP B 418 -7.27 13.25 32.32
C TRP B 418 -8.34 12.64 31.43
N LEU B 419 -8.08 11.45 30.91
CA LEU B 419 -9.04 10.80 30.04
C LEU B 419 -9.94 9.86 30.82
N LEU B 420 -11.19 9.81 30.40
CA LEU B 420 -12.18 8.91 30.98
C LEU B 420 -12.35 7.82 29.93
N ASN B 421 -12.12 6.56 30.32
CA ASN B 421 -12.26 5.47 29.37
C ASN B 421 -13.61 5.58 28.67
N ARG B 422 -13.64 5.28 27.38
CA ARG B 422 -14.88 5.36 26.61
C ARG B 422 -15.83 4.19 26.88
N TYR B 423 -15.29 3.09 27.38
CA TYR B 423 -16.10 1.93 27.65
C TYR B 423 -16.60 1.85 29.09
N TRP B 424 -15.80 2.30 30.05
CA TRP B 424 -16.21 2.22 31.46
C TRP B 424 -16.55 3.53 32.17
N ALA B 425 -16.13 4.66 31.60
CA ALA B 425 -16.39 5.96 32.22
C ALA B 425 -17.12 6.94 31.31
N SER B 426 -17.47 6.51 30.11
CA SER B 426 -18.18 7.39 29.18
C SER B 426 -19.65 6.98 29.08
C1 NAG C . -4.80 -29.76 -1.41
C2 NAG C . -5.08 -30.44 -2.78
C3 NAG C . -6.59 -30.67 -3.15
C4 NAG C . -7.48 -30.88 -1.91
C5 NAG C . -7.10 -29.87 -0.83
C6 NAG C . -7.98 -29.94 0.40
C7 NAG C . -4.61 -29.90 -5.10
C8 NAG C . -3.62 -30.87 -5.73
N2 NAG C . -4.44 -29.64 -3.81
O3 NAG C . -6.65 -31.88 -3.96
O4 NAG C . -8.89 -30.75 -2.25
O5 NAG C . -5.75 -30.14 -0.42
O6 NAG C . -9.26 -29.41 0.13
O7 NAG C . -5.48 -29.36 -5.77
C1 NAG C . -9.63 -31.92 -2.42
C2 NAG C . -11.12 -31.59 -2.69
C3 NAG C . -12.04 -32.73 -2.20
C4 NAG C . -11.27 -34.03 -2.38
C5 NAG C . -10.08 -34.08 -1.40
C6 NAG C . -8.96 -34.99 -1.88
C7 NAG C . -12.58 -29.69 -2.51
C8 NAG C . -13.86 -29.81 -1.69
N2 NAG C . -11.50 -30.34 -2.07
O3 NAG C . -13.25 -32.76 -2.95
O4 NAG C . -12.11 -35.22 -2.27
O5 NAG C . -9.50 -32.74 -1.24
O6 NAG C . -9.10 -35.29 -3.26
O7 NAG C . -12.57 -29.02 -3.55
C1 MAN C . -12.98 -35.44 -1.21
C2 MAN C . -13.85 -36.70 -1.57
C3 MAN C . -14.51 -37.38 -0.35
C4 MAN C . -13.56 -37.48 0.82
C5 MAN C . -13.02 -36.09 1.10
C6 MAN C . -12.15 -36.04 2.36
O2 MAN C . -13.07 -37.65 -2.27
O3 MAN C . -14.92 -38.70 -0.73
O4 MAN C . -14.23 -37.98 1.97
O5 MAN C . -12.21 -35.67 -0.01
O6 MAN C . -12.96 -35.94 3.52
C1 FUC C . -7.73 -32.05 -4.84
C2 FUC C . -7.34 -31.53 -6.22
C3 FUC C . -8.51 -31.70 -7.18
C4 FUC C . -8.88 -33.19 -7.26
C5 FUC C . -9.19 -33.75 -5.86
C6 FUC C . -10.48 -33.25 -5.27
O2 FUC C . -6.22 -32.26 -6.71
O3 FUC C . -9.62 -30.95 -6.72
O4 FUC C . -10.02 -33.36 -8.10
O5 FUC C . -8.11 -33.44 -4.94
C1 NAG D . -18.07 -18.59 -26.60
C2 NAG D . -18.58 -20.02 -26.80
C3 NAG D . -18.06 -20.55 -28.16
C4 NAG D . -18.29 -19.54 -29.30
C5 NAG D . -17.89 -18.11 -28.90
C6 NAG D . -18.31 -17.07 -29.91
C7 NAG D . -18.94 -21.28 -24.76
C8 NAG D . -18.39 -22.27 -23.75
N2 NAG D . -18.11 -20.88 -25.72
O3 NAG D . -18.70 -21.78 -28.49
O4 NAG D . -17.47 -19.94 -30.44
O5 NAG D . -18.52 -17.76 -27.66
O6 NAG D . -17.27 -16.12 -30.15
O7 NAG D . -20.10 -20.88 -24.66
C1 NAG D . -17.99 -20.89 -31.28
C2 NAG D . -17.77 -20.45 -32.74
C3 NAG D . -18.03 -21.59 -33.73
C4 NAG D . -17.32 -22.87 -33.30
C5 NAG D . -17.69 -23.20 -31.87
C6 NAG D . -16.99 -24.45 -31.36
C7 NAG D . -18.16 -18.08 -33.11
C8 NAG D . -19.18 -16.96 -33.20
N2 NAG D . -18.64 -19.33 -33.04
O3 NAG D . -17.57 -21.21 -35.02
O4 NAG D . -17.70 -23.94 -34.17
O5 NAG D . -17.29 -22.12 -31.01
O6 NAG D . -17.44 -24.82 -30.07
O7 NAG D . -16.96 -17.82 -33.09
C1 NAG E . -11.26 15.46 -35.77
C2 NAG E . -11.51 16.40 -36.94
C3 NAG E . -12.99 16.79 -37.02
C4 NAG E . -13.86 15.53 -37.05
C5 NAG E . -13.51 14.66 -35.84
C6 NAG E . -14.32 13.37 -35.73
C7 NAG E . -9.83 17.94 -37.69
C8 NAG E . -8.59 17.06 -37.87
N2 NAG E . -10.71 17.59 -36.76
O3 NAG E . -13.18 17.54 -38.23
O4 NAG E . -15.24 15.89 -37.02
O5 NAG E . -12.11 14.31 -35.88
O6 NAG E . -14.38 12.71 -36.98
O7 NAG E . -9.97 18.93 -38.40
C1 FUC E . -14.03 18.63 -38.13
C2 FUC E . -15.11 18.51 -39.19
C3 FUC E . -15.52 19.89 -39.74
C4 FUC E . -15.52 20.93 -38.60
C5 FUC E . -14.12 21.04 -37.96
C6 FUC E . -13.33 22.25 -38.46
O2 FUC E . -16.24 17.84 -38.66
O3 FUC E . -14.60 20.29 -40.75
O4 FUC E . -15.94 22.20 -39.10
O5 FUC E . -13.33 19.86 -38.25
C1 NAG F . 6.57 17.83 -26.52
C2 NAG F . 7.93 18.45 -26.25
C3 NAG F . 8.26 19.42 -27.37
C4 NAG F . 8.27 18.66 -28.70
C5 NAG F . 6.89 18.00 -28.91
C6 NAG F . 6.83 17.15 -30.15
C7 NAG F . 9.00 18.95 -24.15
C8 NAG F . 9.46 20.17 -23.36
N2 NAG F . 7.95 19.10 -24.96
O3 NAG F . 9.55 20.01 -27.13
O4 NAG F . 8.55 19.55 -29.79
O5 NAG F . 6.59 17.13 -27.78
O6 NAG F . 7.52 15.92 -29.97
O7 NAG F . 9.60 17.88 -24.03
C1 FUC F . 9.64 21.40 -27.29
C2 FUC F . 10.13 21.71 -28.71
C3 FUC F . 11.55 21.17 -28.90
C4 FUC F . 12.51 21.61 -27.77
C5 FUC F . 11.88 21.54 -26.35
C6 FUC F . 11.93 20.17 -25.69
O2 FUC F . 10.11 23.10 -28.95
O3 FUC F . 11.54 19.76 -28.99
O4 FUC F . 13.67 20.80 -27.79
O5 FUC F . 10.50 22.00 -26.34
C1 NAG G . 28.74 5.30 -2.20
C2 NAG G . 30.12 5.02 -1.67
C3 NAG G . 30.60 6.27 -0.96
C4 NAG G . 30.63 7.46 -1.93
C5 NAG G . 29.27 7.60 -2.63
C6 NAG G . 29.26 8.59 -3.78
C7 NAG G . 31.05 2.94 -0.90
C8 NAG G . 31.30 2.34 -2.28
N2 NAG G . 30.10 3.87 -0.78
O3 NAG G . 31.90 6.05 -0.39
O4 NAG G . 30.91 8.66 -1.18
O5 NAG G . 28.83 6.34 -3.18
O6 NAG G . 28.21 8.33 -4.69
O7 NAG G . 31.71 2.54 0.06
C1 FUC G . 31.92 6.31 0.98
C2 FUC G . 33.06 5.54 1.65
C3 FUC G . 32.98 5.78 3.17
C4 FUC G . 33.00 7.29 3.46
C5 FUC G . 31.92 8.03 2.67
C6 FUC G . 30.49 7.75 3.11
O2 FUC G . 34.31 6.00 1.16
O3 FUC G . 31.78 5.20 3.68
O4 FUC G . 32.81 7.51 4.85
O5 FUC G . 32.02 7.71 1.27
C1 NAG G . 31.85 9.52 -1.71
C2 NAG G . 31.56 10.96 -1.27
C3 NAG G . 32.62 11.87 -1.90
C4 NAG G . 34.00 11.43 -1.40
C5 NAG G . 34.21 9.94 -1.75
C6 NAG G . 35.52 9.38 -1.21
C7 NAG G . 29.24 11.33 -0.75
C8 NAG G . 28.14 10.30 -0.96
N2 NAG G . 30.22 11.37 -1.65
O3 NAG G . 32.37 13.23 -1.55
O4 NAG G . 35.02 12.24 -1.98
O5 NAG G . 33.14 9.13 -1.22
O6 NAG G . 35.30 8.18 -0.47
O7 NAG G . 29.19 12.07 0.23
C1 NAG H . -8.23 5.37 39.52
C2 NAG H . -9.15 5.66 40.74
C3 NAG H . -9.50 7.13 40.87
C4 NAG H . -8.16 7.84 40.69
C5 NAG H . -7.79 7.76 39.22
C6 NAG H . -6.29 7.91 39.03
C7 NAG H . -10.42 3.75 41.44
C8 NAG H . -11.20 2.57 40.86
N2 NAG H . -10.36 4.86 40.70
O3 NAG H . -10.01 7.35 42.19
O4 NAG H . -8.12 9.21 41.17
O5 NAG H . -8.20 6.49 38.61
O6 NAG H . -5.70 8.63 40.11
O7 NAG H . -9.89 3.64 42.54
C1 NAG H . -9.11 9.81 41.92
C2 NAG H . -9.09 11.33 41.73
C3 NAG H . -8.04 12.01 42.61
C4 NAG H . -8.12 11.57 44.05
C5 NAG H . -7.97 10.04 44.08
C6 NAG H . -8.08 9.51 45.50
C7 NAG H . -9.63 12.38 39.65
C8 NAG H . -9.44 13.90 39.73
N2 NAG H . -8.79 11.64 40.36
O3 NAG H . -8.25 13.41 42.55
O4 NAG H . -7.05 12.21 44.77
O5 NAG H . -9.01 9.41 43.31
O6 NAG H . -8.29 8.09 45.53
O7 NAG H . -10.53 11.90 38.95
C1 MAN H . -7.00 12.13 46.16
C2 MAN H . -5.53 12.28 46.64
C3 MAN H . -5.48 12.14 48.16
C4 MAN H . -6.43 13.15 48.83
C5 MAN H . -7.85 13.10 48.19
C6 MAN H . -8.72 14.25 48.67
O2 MAN H . -5.00 13.55 46.24
O3 MAN H . -4.14 12.35 48.60
O4 MAN H . -6.53 12.88 50.22
O5 MAN H . -7.78 13.19 46.74
O6 MAN H . -8.18 14.86 49.83
C1 FUC H . -11.35 7.06 42.44
C2 FUC H . -12.03 8.37 42.94
C3 FUC H . -13.37 8.12 43.65
C4 FUC H . -13.18 7.05 44.70
C5 FUC H . -12.73 5.79 43.97
C6 FUC H . -12.66 4.54 44.83
O2 FUC H . -12.24 9.24 41.85
O3 FUC H . -13.84 9.31 44.25
O4 FUC H . -12.16 7.47 45.60
O5 FUC H . -11.43 6.02 43.42
C1 NAG I . -12.99 -10.65 28.11
C2 NAG I . -13.44 -12.12 28.11
C3 NAG I . -14.08 -12.32 29.47
C4 NAG I . -13.03 -12.16 30.55
C5 NAG I . -12.43 -10.75 30.44
C6 NAG I . -11.23 -10.55 31.37
C7 NAG I . -13.93 -12.72 25.84
C8 NAG I . -12.96 -13.90 25.72
N2 NAG I . -14.38 -12.39 27.04
O3 NAG I . -14.81 -13.58 29.59
O4 NAG I . -13.65 -12.33 31.85
O5 NAG I . -11.96 -10.47 29.09
O6 NAG I . -10.24 -11.56 31.16
O7 NAG I . -14.29 -12.14 24.83
C1 FUC I . -14.22 -14.78 29.16
C2 FUC I . -14.90 -15.25 27.88
C3 FUC I . -16.35 -15.61 28.18
C4 FUC I . -16.40 -16.71 29.24
C5 FUC I . -15.65 -16.28 30.49
C6 FUC I . -16.36 -15.18 31.27
O2 FUC I . -14.23 -16.38 27.35
O3 FUC I . -17.04 -14.45 28.66
O4 FUC I . -17.75 -17.00 29.58
O5 FUC I . -14.31 -15.81 30.15
C1 NAG I . -13.57 -13.58 32.45
C2 NAG I . -12.32 -13.67 33.34
C3 NAG I . -12.55 -13.05 34.73
C4 NAG I . -13.72 -12.08 34.70
C5 NAG I . -15.00 -12.80 34.28
C6 NAG I . -16.06 -11.84 33.77
C7 NAG I . -11.62 -15.78 32.41
C8 NAG I . -10.26 -15.54 31.78
N2 NAG I . -11.94 -15.06 33.49
O3 NAG I . -11.38 -12.36 35.15
O4 NAG I . -13.90 -11.49 35.97
O5 NAG I . -14.76 -13.79 33.23
O6 NAG I . -16.08 -10.65 34.55
O7 NAG I . -12.38 -16.62 31.93
FE FE J . -15.23 -7.24 -9.77
MN MN K . -13.43 -5.37 -7.84
P PO4 L . -16.04 -6.97 -7.06
O1 PO4 L . -16.13 -8.35 -7.62
O2 PO4 L . -14.86 -6.90 -6.16
O3 PO4 L . -15.86 -5.96 -8.12
O4 PO4 L . -17.28 -6.66 -6.32
P PO4 M . -17.40 17.45 -23.75
O1 PO4 M . -18.60 16.86 -24.47
O2 PO4 M . -17.47 18.95 -23.85
O3 PO4 M . -17.42 17.07 -22.31
O4 PO4 M . -16.14 16.95 -24.35
C1 NAG N . 23.43 13.56 25.14
C2 NAG N . 24.82 14.22 25.04
C3 NAG N . 25.79 13.62 26.07
C4 NAG N . 25.19 13.56 27.48
C5 NAG N . 23.79 12.91 27.42
C6 NAG N . 23.09 12.94 28.76
C7 NAG N . 25.62 15.03 22.91
C8 NAG N . 26.95 15.00 22.19
N2 NAG N . 25.33 14.01 23.71
O3 NAG N . 26.98 14.38 26.11
O4 NAG N . 26.04 12.78 28.32
O5 NAG N . 22.93 13.61 26.48
O6 NAG N . 21.68 12.99 28.60
O7 NAG N . 24.85 15.98 22.76
FE FE O . 8.97 13.35 10.47
MN MN P . 6.72 11.82 8.63
P PO4 Q . 8.41 14.32 8.03
O1 PO4 Q . 9.58 14.04 8.87
O2 PO4 Q . 7.88 13.04 7.50
O3 PO4 Q . 7.36 14.96 8.82
O4 PO4 Q . 8.80 15.19 6.91
P PO4 R . -12.40 13.35 28.48
O1 PO4 R . -11.66 12.23 27.80
O2 PO4 R . -12.69 14.43 27.48
O3 PO4 R . -13.70 12.86 29.04
O4 PO4 R . -11.58 13.94 29.60
#